data_6YDV
#
_entry.id   6YDV
#
_cell.length_a   57.600
_cell.length_b   93.790
_cell.length_c   92.610
_cell.angle_alpha   90.000
_cell.angle_beta   107.500
_cell.angle_gamma   90.000
#
_symmetry.space_group_name_H-M   'P 1 21 1'
#
loop_
_entity.id
_entity.type
_entity.pdbx_description
1 polymer 'JMJD1B protein'
2 non-polymer ~{N}-(2-azanyl-2-oxidanylidene-ethyl)-4-methoxy-benzamide
3 non-polymer 'CHLORIDE ION'
4 non-polymer 'MANGANESE (II) ION'
5 water water
#
_entity_poly.entity_id   1
_entity_poly.type   'polypeptide(L)'
_entity_poly.pdbx_seq_one_letter_code
;MHHHHHHSSGVDLGTENLYFQSMTSHSWLCDGRLLCLHDPSNKNNWKIFRECWKQGQPVLVSGVHKKLKSELWKPEAFSQ
EFGDQDVDLVNCRNCAIISDVKVRDFWDGFEIICKRLRSEDGQPMVLKLKDWPPGEDFRDMMPTRFEDLMENLPLPEYTK
RDGRLNLASRLPSYFVRPDLGPKMYNAYGLITAEDRRVGTTNLHLDVSDAVNVMVYVGIPIGEGAHDEEVLKTIDEGDAD
EVTKERIHDHKEKPGALWHIYAAKDAEKIRELLRKVGEEQGQENPPDHDPIHDQSWYLDQTLRKRLYEEYGVQGWAIVQF
LGDAVFIPAGAPHQVHNLYSCIKVAEDFVSPEHVKHCFRLTQEFRHLSNTHT
;
_entity_poly.pdbx_strand_id   AAA,BBB
#
# COMPACT_ATOMS: atom_id res chain seq x y z
N SER A 22 -17.82 -4.94 -47.27
CA SER A 22 -16.76 -4.05 -47.85
C SER A 22 -15.91 -3.45 -46.71
N MET A 23 -14.72 -2.91 -47.01
CA MET A 23 -14.00 -1.93 -46.15
C MET A 23 -15.05 -1.09 -45.41
N THR A 24 -15.25 -1.29 -44.10
CA THR A 24 -15.96 -0.29 -43.25
C THR A 24 -15.04 0.17 -42.10
N SER A 25 -15.09 1.47 -41.80
CA SER A 25 -14.36 2.14 -40.70
C SER A 25 -14.75 1.51 -39.35
N HIS A 26 -16.03 1.15 -39.17
CA HIS A 26 -16.55 0.65 -37.86
C HIS A 26 -17.92 -0.01 -37.99
N SER A 27 -18.34 -0.65 -36.89
CA SER A 27 -19.68 -1.28 -36.70
C SER A 27 -20.09 -1.11 -35.22
N TRP A 28 -21.28 -1.59 -34.87
CA TRP A 28 -21.80 -1.51 -33.47
C TRP A 28 -22.05 -2.93 -32.96
N LEU A 29 -21.75 -3.17 -31.68
CA LEU A 29 -22.09 -4.44 -30.98
C LEU A 29 -22.92 -4.06 -29.75
N CYS A 30 -23.29 -5.05 -28.95
CA CYS A 30 -24.16 -4.84 -27.76
C CYS A 30 -25.41 -4.05 -28.15
N ASP A 31 -26.08 -4.47 -29.22
CA ASP A 31 -27.33 -3.86 -29.76
C ASP A 31 -27.17 -2.34 -29.92
N GLY A 32 -26.03 -1.87 -30.43
CA GLY A 32 -25.76 -0.44 -30.72
C GLY A 32 -24.94 0.27 -29.64
N ARG A 33 -24.71 -0.37 -28.49
CA ARG A 33 -24.16 0.30 -27.28
C ARG A 33 -22.62 0.31 -27.27
N LEU A 34 -21.97 -0.49 -28.14
CA LEU A 34 -20.48 -0.65 -28.15
C LEU A 34 -19.91 -0.35 -29.54
N LEU A 35 -19.07 0.68 -29.64
CA LEU A 35 -18.26 1.00 -30.84
C LEU A 35 -17.27 -0.13 -31.10
N CYS A 36 -17.24 -0.65 -32.33
CA CYS A 36 -16.19 -1.59 -32.81
C CYS A 36 -15.48 -1.01 -34.03
N LEU A 37 -14.25 -0.51 -33.83
CA LEU A 37 -13.38 0.04 -34.90
C LEU A 37 -12.68 -1.11 -35.63
N HIS A 38 -12.56 -1.04 -36.96
CA HIS A 38 -12.15 -2.19 -37.82
C HIS A 38 -10.68 -2.15 -38.21
N ASP A 39 -10.07 -0.96 -38.25
CA ASP A 39 -8.66 -0.76 -38.69
C ASP A 39 -7.88 -0.12 -37.53
N PRO A 40 -6.97 -0.86 -36.87
CA PRO A 40 -6.26 -0.35 -35.69
C PRO A 40 -5.24 0.77 -35.96
N SER A 41 -4.84 0.99 -37.22
CA SER A 41 -3.78 1.96 -37.61
C SER A 41 -4.37 3.16 -38.37
N ASN A 42 -5.70 3.25 -38.47
CA ASN A 42 -6.44 4.34 -39.19
C ASN A 42 -6.33 5.65 -38.41
N LYS A 43 -5.73 6.67 -39.02
CA LYS A 43 -5.36 7.95 -38.35
C LYS A 43 -6.61 8.76 -37.97
N ASN A 44 -7.83 8.34 -38.38
CA ASN A 44 -9.11 9.08 -38.16
C ASN A 44 -9.95 8.44 -37.05
N ASN A 45 -9.46 7.36 -36.43
CA ASN A 45 -10.20 6.58 -35.40
C ASN A 45 -10.58 7.50 -34.24
N TRP A 46 -9.71 8.45 -33.85
CA TRP A 46 -9.92 9.37 -32.70
C TRP A 46 -11.26 10.12 -32.83
N LYS A 47 -11.70 10.41 -34.06
CA LYS A 47 -12.92 11.23 -34.32
C LYS A 47 -14.19 10.50 -33.83
N ILE A 48 -14.27 9.18 -34.04
CA ILE A 48 -15.41 8.31 -33.61
C ILE A 48 -15.22 7.91 -32.15
N PHE A 49 -13.97 7.64 -31.75
CA PHE A 49 -13.60 7.14 -30.41
C PHE A 49 -13.97 8.17 -29.33
N ARG A 50 -13.50 9.41 -29.53
CA ARG A 50 -13.66 10.60 -28.64
C ARG A 50 -15.05 10.64 -28.00
N GLU A 51 -16.07 10.56 -28.84
CA GLU A 51 -17.52 10.76 -28.50
C GLU A 51 -17.99 9.66 -27.54
N CYS A 52 -17.73 8.40 -27.88
CA CYS A 52 -18.09 7.20 -27.08
C CYS A 52 -17.32 7.22 -25.75
N TRP A 53 -16.02 7.53 -25.81
CA TRP A 53 -15.10 7.52 -24.65
C TRP A 53 -15.53 8.58 -23.61
N LYS A 54 -15.94 9.76 -24.08
CA LYS A 54 -16.32 10.89 -23.16
C LYS A 54 -17.61 10.52 -22.42
N GLN A 55 -18.38 9.57 -22.93
CA GLN A 55 -19.66 9.12 -22.31
C GLN A 55 -19.43 7.96 -21.33
N GLY A 56 -18.18 7.54 -21.13
CA GLY A 56 -17.83 6.50 -20.14
C GLY A 56 -18.05 5.09 -20.69
N GLN A 57 -18.15 4.94 -22.01
CA GLN A 57 -18.33 3.61 -22.67
C GLN A 57 -16.98 2.94 -22.87
N PRO A 58 -16.92 1.59 -22.76
CA PRO A 58 -15.81 0.83 -23.33
C PRO A 58 -15.85 0.85 -24.86
N VAL A 59 -14.72 0.55 -25.50
CA VAL A 59 -14.58 0.51 -26.99
C VAL A 59 -13.79 -0.75 -27.37
N LEU A 60 -14.13 -1.37 -28.50
CA LEU A 60 -13.40 -2.56 -29.05
C LEU A 60 -12.75 -2.17 -30.39
N VAL A 61 -11.48 -2.54 -30.57
CA VAL A 61 -10.73 -2.39 -31.86
C VAL A 61 -10.25 -3.78 -32.27
N SER A 62 -10.69 -4.25 -33.44
CA SER A 62 -10.34 -5.59 -33.99
C SER A 62 -9.14 -5.47 -34.95
N GLY A 63 -8.44 -6.58 -35.20
CA GLY A 63 -7.42 -6.69 -36.26
C GLY A 63 -5.99 -6.39 -35.82
N VAL A 64 -5.72 -6.30 -34.51
CA VAL A 64 -4.36 -5.95 -33.99
C VAL A 64 -3.39 -7.11 -34.25
N HIS A 65 -3.88 -8.36 -34.26
CA HIS A 65 -3.04 -9.58 -34.45
C HIS A 65 -2.36 -9.55 -35.82
N LYS A 66 -3.04 -9.01 -36.83
CA LYS A 66 -2.51 -8.89 -38.21
C LYS A 66 -1.35 -7.89 -38.26
N LYS A 67 -1.17 -7.06 -37.22
CA LYS A 67 -0.07 -6.06 -37.17
C LYS A 67 1.16 -6.62 -36.46
N LEU A 68 1.01 -7.71 -35.71
CA LEU A 68 2.07 -8.22 -34.79
C LEU A 68 2.91 -9.28 -35.52
N LYS A 69 4.15 -9.52 -35.04
CA LYS A 69 5.01 -10.65 -35.49
C LYS A 69 4.56 -11.91 -34.73
N SER A 70 3.75 -12.76 -35.36
CA SER A 70 3.00 -13.85 -34.67
C SER A 70 3.93 -14.85 -33.97
N GLU A 71 5.20 -14.97 -34.41
CA GLU A 71 6.19 -15.93 -33.85
C GLU A 71 6.60 -15.51 -32.42
N LEU A 72 6.43 -14.23 -32.06
CA LEU A 72 6.82 -13.69 -30.73
C LEU A 72 5.80 -14.03 -29.63
N TRP A 73 4.60 -14.51 -29.99
CA TRP A 73 3.46 -14.61 -29.03
C TRP A 73 2.93 -16.04 -28.96
N LYS A 74 3.80 -17.03 -29.17
CA LYS A 74 3.42 -18.47 -29.05
C LYS A 74 3.79 -18.98 -27.66
N PRO A 75 2.94 -19.85 -27.07
CA PRO A 75 3.24 -20.48 -25.78
C PRO A 75 4.59 -21.22 -25.76
N GLU A 76 4.88 -21.98 -26.82
CA GLU A 76 6.10 -22.84 -26.95
C GLU A 76 7.36 -21.97 -26.83
N ALA A 77 7.36 -20.77 -27.40
CA ALA A 77 8.53 -19.84 -27.38
C ALA A 77 8.70 -19.24 -25.97
N PHE A 78 7.62 -18.94 -25.26
CA PHE A 78 7.70 -18.49 -23.85
C PHE A 78 8.32 -19.62 -23.01
N SER A 79 7.89 -20.87 -23.21
CA SER A 79 8.42 -22.05 -22.47
C SER A 79 9.93 -22.19 -22.72
N GLN A 80 10.36 -22.20 -23.99
CA GLN A 80 11.78 -22.43 -24.39
C GLN A 80 12.69 -21.36 -23.78
N GLU A 81 12.27 -20.09 -23.81
CA GLU A 81 13.15 -18.93 -23.51
C GLU A 81 13.18 -18.61 -22.02
N PHE A 82 12.11 -18.92 -21.27
CA PHE A 82 11.93 -18.45 -19.87
C PHE A 82 11.50 -19.59 -18.93
N GLY A 83 11.51 -20.84 -19.43
CA GLY A 83 10.96 -22.03 -18.74
C GLY A 83 11.49 -22.26 -17.32
N ASP A 84 12.72 -21.83 -17.01
CA ASP A 84 13.43 -22.15 -15.73
C ASP A 84 13.07 -21.18 -14.60
N GLN A 85 12.40 -20.06 -14.90
CA GLN A 85 12.02 -19.02 -13.90
C GLN A 85 10.97 -19.61 -12.94
N ASP A 86 11.06 -19.22 -11.66
CA ASP A 86 10.17 -19.69 -10.56
C ASP A 86 8.94 -18.77 -10.47
N VAL A 87 7.74 -19.35 -10.33
CA VAL A 87 6.46 -18.58 -10.32
C VAL A 87 5.49 -19.26 -9.36
N ASP A 88 4.42 -18.54 -9.02
CA ASP A 88 3.21 -19.09 -8.38
C ASP A 88 2.08 -19.12 -9.42
N LEU A 89 1.12 -20.03 -9.25
CA LEU A 89 -0.11 -20.16 -10.09
C LEU A 89 -1.32 -20.14 -9.16
N VAL A 90 -2.50 -19.87 -9.71
CA VAL A 90 -3.79 -19.99 -8.96
C VAL A 90 -4.64 -21.08 -9.61
N ASN A 91 -5.26 -21.93 -8.80
CA ASN A 91 -6.32 -22.87 -9.25
C ASN A 91 -7.62 -22.05 -9.41
N CYS A 92 -8.07 -21.79 -10.64
CA CYS A 92 -9.20 -20.85 -10.92
C CYS A 92 -10.52 -21.40 -10.35
N ARG A 93 -10.59 -22.70 -10.08
CA ARG A 93 -11.83 -23.38 -9.61
C ARG A 93 -12.06 -23.16 -8.11
N ASN A 94 -10.98 -23.05 -7.31
CA ASN A 94 -11.09 -23.01 -5.83
C ASN A 94 -10.23 -21.88 -5.22
N CYS A 95 -9.53 -21.10 -6.03
CA CYS A 95 -8.62 -19.98 -5.62
C CYS A 95 -7.38 -20.44 -4.84
N ALA A 96 -7.09 -21.74 -4.75
CA ALA A 96 -5.86 -22.27 -4.12
C ALA A 96 -4.62 -21.76 -4.87
N ILE A 97 -3.59 -21.32 -4.14
CA ILE A 97 -2.27 -20.93 -4.73
C ILE A 97 -1.36 -22.16 -4.79
N ILE A 98 -0.74 -22.40 -5.95
CA ILE A 98 0.34 -23.42 -6.17
C ILE A 98 1.68 -22.68 -6.15
N SER A 99 2.50 -22.92 -5.13
CA SER A 99 3.70 -22.12 -4.75
C SER A 99 4.99 -22.65 -5.39
N ASP A 100 5.81 -21.73 -5.89
CA ASP A 100 7.22 -21.92 -6.27
C ASP A 100 7.33 -23.14 -7.20
N VAL A 101 6.72 -23.06 -8.38
CA VAL A 101 6.91 -24.05 -9.49
C VAL A 101 7.65 -23.35 -10.63
N LYS A 102 8.06 -24.11 -11.64
CA LYS A 102 8.76 -23.61 -12.85
C LYS A 102 7.70 -23.13 -13.85
N VAL A 103 7.97 -22.02 -14.54
CA VAL A 103 6.98 -21.41 -15.47
C VAL A 103 6.72 -22.39 -16.63
N ARG A 104 7.66 -23.28 -16.96
CA ARG A 104 7.44 -24.31 -18.04
C ARG A 104 6.33 -25.27 -17.61
N ASP A 105 6.08 -25.45 -16.30
CA ASP A 105 4.99 -26.34 -15.81
C ASP A 105 3.62 -25.76 -16.22
N PHE A 106 3.51 -24.43 -16.29
CA PHE A 106 2.29 -23.73 -16.78
C PHE A 106 2.19 -23.87 -18.31
N TRP A 107 3.22 -23.37 -19.03
CA TRP A 107 3.18 -23.23 -20.52
C TRP A 107 3.00 -24.58 -21.23
N ASP A 108 3.57 -25.69 -20.73
CA ASP A 108 3.62 -26.98 -21.47
C ASP A 108 2.23 -27.64 -21.43
N GLY A 109 1.37 -27.26 -20.48
CA GLY A 109 -0.04 -27.72 -20.43
C GLY A 109 -1.04 -26.70 -20.99
N PHE A 110 -0.56 -25.62 -21.60
CA PHE A 110 -1.40 -24.48 -22.10
C PHE A 110 -2.48 -25.00 -23.05
N GLU A 111 -2.08 -25.85 -24.00
CA GLU A 111 -2.95 -26.40 -25.10
C GLU A 111 -3.13 -27.91 -24.93
N ILE A 112 -2.15 -28.63 -24.38
CA ILE A 112 -2.21 -30.12 -24.26
C ILE A 112 -2.69 -30.49 -22.86
N ILE A 113 -3.93 -30.97 -22.76
CA ILE A 113 -4.64 -31.11 -21.46
C ILE A 113 -3.93 -32.12 -20.57
N CYS A 114 -3.47 -33.26 -21.13
CA CYS A 114 -2.96 -34.40 -20.32
C CYS A 114 -1.61 -34.04 -19.68
N LYS A 115 -0.98 -32.94 -20.11
CA LYS A 115 0.29 -32.41 -19.53
C LYS A 115 0.04 -31.44 -18.35
N ARG A 116 -1.21 -31.15 -18.02
CA ARG A 116 -1.56 -30.12 -16.98
C ARG A 116 -1.41 -30.72 -15.59
N LEU A 117 -0.97 -29.91 -14.62
CA LEU A 117 -0.93 -30.33 -13.19
C LEU A 117 -2.33 -30.80 -12.79
N ARG A 118 -2.42 -31.78 -11.88
CA ARG A 118 -3.71 -32.39 -11.46
C ARG A 118 -4.01 -32.05 -10.01
N SER A 119 -5.30 -31.84 -9.70
CA SER A 119 -5.80 -31.65 -8.31
C SER A 119 -6.01 -33.03 -7.66
N GLU A 120 -6.24 -33.07 -6.34
CA GLU A 120 -6.49 -34.32 -5.53
C GLU A 120 -7.49 -35.24 -6.25
N ASP A 121 -8.56 -34.65 -6.78
CA ASP A 121 -9.66 -35.38 -7.49
C ASP A 121 -9.11 -36.10 -8.73
N GLY A 122 -7.88 -35.78 -9.15
CA GLY A 122 -7.22 -36.37 -10.33
C GLY A 122 -7.59 -35.68 -11.63
N GLN A 123 -8.28 -34.53 -11.58
CA GLN A 123 -8.71 -33.78 -12.79
C GLN A 123 -7.61 -32.77 -13.13
N PRO A 124 -7.36 -32.51 -14.43
CA PRO A 124 -6.41 -31.46 -14.82
C PRO A 124 -6.95 -30.08 -14.44
N MET A 125 -6.12 -29.27 -13.77
CA MET A 125 -6.56 -28.00 -13.15
C MET A 125 -6.67 -26.90 -14.22
N VAL A 126 -7.59 -25.96 -14.01
CA VAL A 126 -7.68 -24.69 -14.78
C VAL A 126 -6.80 -23.67 -14.06
N LEU A 127 -5.67 -23.28 -14.66
CA LEU A 127 -4.63 -22.48 -13.95
C LEU A 127 -4.47 -21.09 -14.58
N LYS A 128 -4.16 -20.14 -13.71
CA LYS A 128 -3.73 -18.76 -14.05
C LYS A 128 -2.29 -18.60 -13.58
N LEU A 129 -1.39 -18.16 -14.47
CA LEU A 129 -0.02 -17.72 -14.13
C LEU A 129 -0.11 -16.35 -13.46
N LYS A 130 0.25 -16.28 -12.19
CA LYS A 130 0.17 -15.03 -11.38
C LYS A 130 1.43 -14.17 -11.61
N ASP A 131 1.23 -12.90 -11.96
CA ASP A 131 2.24 -11.79 -11.89
C ASP A 131 3.52 -12.16 -12.67
N TRP A 132 3.40 -12.46 -13.97
CA TRP A 132 4.54 -12.84 -14.85
C TRP A 132 4.43 -12.19 -16.22
N PRO A 133 5.49 -11.49 -16.72
CA PRO A 133 6.64 -11.07 -15.93
C PRO A 133 6.30 -10.20 -14.72
N PRO A 134 7.09 -10.29 -13.63
CA PRO A 134 6.70 -9.67 -12.37
C PRO A 134 6.90 -8.15 -12.35
N GLY A 135 6.08 -7.44 -11.56
CA GLY A 135 6.12 -5.98 -11.38
C GLY A 135 6.18 -5.25 -12.71
N GLU A 136 7.19 -4.41 -12.91
CA GLU A 136 7.36 -3.58 -14.13
C GLU A 136 8.48 -4.15 -15.01
N ASP A 137 8.72 -5.47 -14.95
CA ASP A 137 9.93 -6.08 -15.57
C ASP A 137 9.69 -6.43 -17.03
N PHE A 138 8.47 -6.27 -17.55
CA PHE A 138 8.11 -6.73 -18.92
C PHE A 138 9.18 -6.26 -19.92
N ARG A 139 9.47 -4.94 -19.94
CA ARG A 139 10.35 -4.33 -20.97
C ARG A 139 11.75 -4.93 -20.90
N ASP A 140 12.28 -5.07 -19.67
CA ASP A 140 13.65 -5.59 -19.39
C ASP A 140 13.76 -7.06 -19.85
N MET A 141 12.82 -7.90 -19.44
CA MET A 141 12.85 -9.36 -19.75
C MET A 141 12.59 -9.59 -21.25
N MET A 142 11.78 -8.76 -21.90
CA MET A 142 11.25 -9.03 -23.26
C MET A 142 11.30 -7.78 -24.14
N PRO A 143 12.50 -7.21 -24.40
CA PRO A 143 12.59 -5.96 -25.16
C PRO A 143 12.01 -5.97 -26.58
N THR A 144 12.09 -7.10 -27.29
CA THR A 144 11.55 -7.24 -28.67
C THR A 144 10.00 -7.31 -28.64
N ARG A 145 9.41 -8.01 -27.66
CA ARG A 145 7.94 -8.13 -27.48
C ARG A 145 7.38 -6.74 -27.15
N PHE A 146 8.00 -6.03 -26.21
CA PHE A 146 7.68 -4.64 -25.83
C PHE A 146 7.55 -3.79 -27.10
N GLU A 147 8.60 -3.74 -27.91
CA GLU A 147 8.66 -2.95 -29.18
C GLU A 147 7.47 -3.33 -30.07
N ASP A 148 7.28 -4.64 -30.34
CA ASP A 148 6.23 -5.16 -31.26
C ASP A 148 4.85 -4.69 -30.79
N LEU A 149 4.54 -4.81 -29.50
CA LEU A 149 3.23 -4.38 -28.95
C LEU A 149 3.09 -2.85 -29.01
N MET A 150 4.00 -2.11 -28.36
CA MET A 150 3.87 -0.63 -28.18
C MET A 150 3.71 0.08 -29.53
N GLU A 151 4.39 -0.40 -30.58
CA GLU A 151 4.42 0.25 -31.92
C GLU A 151 3.11 -0.02 -32.67
N ASN A 152 2.25 -0.90 -32.17
CA ASN A 152 1.03 -1.32 -32.90
C ASN A 152 -0.21 -1.14 -32.01
N LEU A 153 -0.12 -0.44 -30.88
CA LEU A 153 -1.32 -0.13 -30.06
C LEU A 153 -2.20 0.85 -30.83
N PRO A 154 -3.54 0.61 -30.89
CA PRO A 154 -4.48 1.58 -31.44
C PRO A 154 -4.63 2.84 -30.58
N LEU A 155 -5.22 3.88 -31.19
CA LEU A 155 -5.42 5.23 -30.59
C LEU A 155 -4.11 5.66 -29.90
N PRO A 156 -2.99 5.75 -30.66
CA PRO A 156 -1.66 5.96 -30.06
C PRO A 156 -1.50 7.25 -29.25
N GLU A 157 -2.25 8.31 -29.57
CA GLU A 157 -2.16 9.59 -28.81
C GLU A 157 -2.67 9.41 -27.38
N TYR A 158 -3.53 8.41 -27.15
CA TYR A 158 -4.08 8.06 -25.81
C TYR A 158 -3.20 6.99 -25.14
N THR A 159 -2.70 6.01 -25.89
CA THR A 159 -2.17 4.73 -25.33
C THR A 159 -0.63 4.72 -25.21
N LYS A 160 0.11 5.45 -26.05
CA LYS A 160 1.60 5.43 -25.99
C LYS A 160 2.08 6.21 -24.76
N ARG A 161 3.24 5.87 -24.22
CA ARG A 161 3.80 6.50 -22.98
C ARG A 161 3.86 8.02 -23.15
N ASP A 162 4.27 8.49 -24.33
CA ASP A 162 4.51 9.92 -24.63
C ASP A 162 3.41 10.49 -25.53
N GLY A 163 2.28 9.79 -25.65
CA GLY A 163 1.11 10.27 -26.42
C GLY A 163 0.62 11.62 -25.89
N ARG A 164 0.22 12.51 -26.80
CA ARG A 164 -0.21 13.90 -26.47
C ARG A 164 -1.46 13.91 -25.57
N LEU A 165 -2.27 12.85 -25.55
CA LEU A 165 -3.54 12.80 -24.76
C LEU A 165 -3.40 11.77 -23.64
N ASN A 166 -2.17 11.35 -23.34
CA ASN A 166 -1.85 10.50 -22.17
C ASN A 166 -1.20 11.38 -21.10
N LEU A 167 -1.90 11.64 -19.99
CA LEU A 167 -1.41 12.53 -18.91
C LEU A 167 -0.57 11.75 -17.89
N ALA A 168 -0.28 10.46 -18.09
CA ALA A 168 0.45 9.61 -17.09
C ALA A 168 1.72 10.33 -16.64
N SER A 169 2.52 10.81 -17.59
CA SER A 169 3.88 11.35 -17.33
C SER A 169 3.83 12.84 -16.98
N ARG A 170 2.65 13.42 -16.80
CA ARG A 170 2.44 14.90 -16.77
C ARG A 170 1.75 15.34 -15.49
N LEU A 171 1.32 14.42 -14.62
CA LEU A 171 0.44 14.76 -13.48
C LEU A 171 1.28 14.93 -12.22
N PRO A 172 0.91 15.87 -11.32
CA PRO A 172 1.53 15.91 -9.99
C PRO A 172 0.98 14.83 -9.04
N SER A 173 1.55 14.79 -7.83
CA SER A 173 1.42 13.67 -6.86
C SER A 173 0.02 13.69 -6.23
N TYR A 174 -0.74 14.75 -6.52
CA TYR A 174 -2.18 14.84 -6.18
C TYR A 174 -3.00 13.81 -6.98
N PHE A 175 -2.38 13.17 -7.99
CA PHE A 175 -3.02 12.09 -8.81
C PHE A 175 -2.31 10.76 -8.57
N VAL A 176 -3.08 9.66 -8.51
CA VAL A 176 -2.53 8.26 -8.48
C VAL A 176 -2.06 7.93 -9.90
N ARG A 177 -0.74 7.84 -10.12
CA ARG A 177 -0.13 7.59 -11.46
C ARG A 177 -0.02 6.07 -11.68
N PRO A 178 -0.27 5.53 -12.90
CA PRO A 178 -0.16 4.08 -13.13
C PRO A 178 1.31 3.63 -13.17
N ASP A 179 1.56 2.32 -12.99
CA ASP A 179 2.94 1.75 -13.08
C ASP A 179 3.36 1.76 -14.54
N LEU A 180 4.66 1.67 -14.81
CA LEU A 180 5.19 1.40 -16.16
C LEU A 180 4.78 -0.02 -16.56
N GLY A 181 4.22 -0.18 -17.77
CA GLY A 181 3.73 -1.46 -18.28
C GLY A 181 4.52 -1.88 -19.51
N PRO A 182 3.99 -2.75 -20.37
CA PRO A 182 2.70 -3.40 -20.12
C PRO A 182 2.78 -4.57 -19.11
N LYS A 183 1.62 -5.16 -18.84
CA LYS A 183 1.42 -6.37 -17.99
C LYS A 183 0.83 -7.49 -18.85
N MET A 184 1.29 -8.72 -18.60
CA MET A 184 0.89 -9.91 -19.39
C MET A 184 -0.08 -10.72 -18.51
N TYR A 185 -1.16 -11.23 -19.09
CA TYR A 185 -2.22 -12.00 -18.39
C TYR A 185 -2.42 -13.33 -19.12
N ASN A 186 -1.97 -14.41 -18.48
CA ASN A 186 -1.87 -15.77 -19.08
C ASN A 186 -2.69 -16.73 -18.21
N ALA A 187 -3.69 -17.39 -18.79
CA ALA A 187 -4.50 -18.39 -18.06
C ALA A 187 -5.17 -19.37 -19.01
N TYR A 188 -5.46 -20.58 -18.51
CA TYR A 188 -6.18 -21.64 -19.27
C TYR A 188 -7.63 -21.19 -19.42
N GLY A 189 -8.36 -21.82 -20.35
CA GLY A 189 -9.81 -21.61 -20.51
C GLY A 189 -10.60 -22.40 -19.49
N LEU A 190 -11.76 -21.90 -19.08
CA LEU A 190 -12.68 -22.61 -18.16
C LEU A 190 -13.53 -23.56 -19.00
N ILE A 191 -13.85 -24.74 -18.46
CA ILE A 191 -14.24 -25.92 -19.29
C ILE A 191 -15.72 -26.28 -19.06
N THR A 192 -16.07 -26.66 -17.84
CA THR A 192 -17.31 -27.42 -17.51
C THR A 192 -18.50 -26.49 -17.25
N ALA A 193 -19.66 -27.09 -16.98
CA ALA A 193 -20.94 -26.40 -16.68
C ALA A 193 -20.81 -25.68 -15.34
N GLU A 194 -20.06 -26.26 -14.40
CA GLU A 194 -19.78 -25.65 -13.08
C GLU A 194 -18.77 -24.51 -13.22
N ASP A 195 -17.87 -24.55 -14.21
CA ASP A 195 -16.86 -23.49 -14.43
C ASP A 195 -17.54 -22.18 -14.87
N ARG A 196 -18.80 -22.26 -15.32
CA ARG A 196 -19.58 -21.12 -15.87
C ARG A 196 -19.83 -20.05 -14.78
N ARG A 197 -19.82 -20.45 -13.50
CA ARG A 197 -20.12 -19.56 -12.33
C ARG A 197 -18.84 -18.96 -11.74
N VAL A 198 -17.68 -19.16 -12.39
CA VAL A 198 -16.34 -18.79 -11.84
C VAL A 198 -15.63 -17.85 -12.82
N GLY A 199 -14.72 -17.02 -12.32
CA GLY A 199 -13.95 -16.06 -13.14
C GLY A 199 -12.49 -16.44 -13.31
N THR A 200 -11.87 -15.98 -14.40
CA THR A 200 -10.39 -15.92 -14.56
C THR A 200 -9.86 -14.75 -13.75
N THR A 201 -10.45 -13.55 -13.95
CA THR A 201 -10.22 -12.35 -13.11
C THR A 201 -11.55 -11.87 -12.54
N ASN A 202 -11.65 -11.81 -11.21
CA ASN A 202 -12.86 -11.41 -10.46
C ASN A 202 -13.18 -9.91 -10.67
N LEU A 203 -14.41 -9.53 -10.30
CA LEU A 203 -14.91 -8.14 -10.47
C LEU A 203 -14.03 -7.18 -9.67
N HIS A 204 -13.47 -6.16 -10.33
CA HIS A 204 -12.63 -5.09 -9.71
C HIS A 204 -12.71 -3.84 -10.57
N LEU A 205 -12.11 -2.74 -10.12
CA LEU A 205 -11.98 -1.50 -10.94
C LEU A 205 -10.54 -0.98 -10.80
N ASP A 206 -10.11 -0.19 -11.78
CA ASP A 206 -8.78 0.47 -11.84
C ASP A 206 -8.99 1.99 -11.88
N VAL A 207 -8.08 2.74 -11.26
CA VAL A 207 -8.19 4.23 -11.16
C VAL A 207 -7.68 4.86 -12.46
N SER A 208 -7.00 4.11 -13.31
CA SER A 208 -6.66 4.65 -14.65
C SER A 208 -7.32 3.86 -15.79
N ASP A 209 -7.19 4.39 -17.01
CA ASP A 209 -7.69 3.77 -18.25
C ASP A 209 -6.74 2.62 -18.59
N ALA A 210 -7.19 1.66 -19.40
CA ALA A 210 -6.36 0.53 -19.89
C ALA A 210 -6.83 0.07 -21.26
N VAL A 211 -5.87 -0.36 -22.08
CA VAL A 211 -6.10 -1.13 -23.34
C VAL A 211 -5.57 -2.55 -23.13
N ASN A 212 -6.39 -3.57 -23.40
CA ASN A 212 -6.08 -5.01 -23.20
C ASN A 212 -6.19 -5.70 -24.57
N VAL A 213 -5.06 -6.19 -25.09
CA VAL A 213 -4.96 -6.85 -26.42
C VAL A 213 -4.84 -8.37 -26.27
N MET A 214 -5.65 -9.12 -27.02
CA MET A 214 -5.58 -10.60 -27.11
C MET A 214 -4.59 -10.97 -28.23
N VAL A 215 -3.38 -11.39 -27.86
CA VAL A 215 -2.24 -11.66 -28.80
C VAL A 215 -2.21 -13.14 -29.20
N TYR A 216 -2.81 -14.04 -28.41
CA TYR A 216 -2.84 -15.50 -28.72
C TYR A 216 -4.03 -16.18 -28.05
N VAL A 217 -4.70 -17.06 -28.79
CA VAL A 217 -5.80 -17.93 -28.26
C VAL A 217 -5.45 -19.38 -28.59
N GLY A 218 -5.24 -20.21 -27.56
CA GLY A 218 -4.91 -21.64 -27.70
C GLY A 218 -6.16 -22.51 -27.53
N ILE A 219 -6.55 -23.22 -28.58
CA ILE A 219 -7.69 -24.19 -28.56
C ILE A 219 -7.16 -25.57 -28.23
N PRO A 220 -7.47 -26.13 -27.03
CA PRO A 220 -6.80 -27.34 -26.57
C PRO A 220 -7.21 -28.62 -27.31
N ILE A 221 -6.45 -29.69 -27.05
CA ILE A 221 -6.51 -31.02 -27.73
C ILE A 221 -6.34 -32.12 -26.68
N GLY A 222 -6.80 -33.34 -27.00
CA GLY A 222 -6.89 -34.48 -26.08
C GLY A 222 -8.33 -34.67 -25.60
N GLU A 223 -8.88 -33.63 -24.96
CA GLU A 223 -10.35 -33.41 -24.83
C GLU A 223 -10.70 -32.26 -25.78
N GLY A 224 -10.51 -32.51 -27.09
CA GLY A 224 -10.80 -31.58 -28.19
C GLY A 224 -12.15 -31.85 -28.83
N ALA A 225 -13.22 -31.71 -28.05
CA ALA A 225 -14.65 -31.69 -28.49
C ALA A 225 -15.45 -30.82 -27.51
N HIS A 226 -14.87 -29.66 -27.15
CA HIS A 226 -15.33 -28.71 -26.08
C HIS A 226 -15.93 -27.46 -26.75
N ASP A 227 -16.48 -27.63 -27.97
CA ASP A 227 -16.96 -26.53 -28.86
C ASP A 227 -18.30 -26.00 -28.36
N GLU A 228 -19.22 -26.89 -27.96
CA GLU A 228 -20.64 -26.57 -27.68
C GLU A 228 -20.78 -25.89 -26.31
N GLU A 229 -19.96 -26.27 -25.33
CA GLU A 229 -19.93 -25.64 -23.98
C GLU A 229 -19.52 -24.16 -24.09
N VAL A 230 -18.58 -23.82 -24.98
CA VAL A 230 -18.13 -22.43 -25.27
C VAL A 230 -19.35 -21.62 -25.73
N LEU A 231 -20.15 -22.17 -26.63
CA LEU A 231 -21.32 -21.49 -27.24
C LEU A 231 -22.42 -21.27 -26.20
N LYS A 232 -22.60 -22.21 -25.27
CA LYS A 232 -23.65 -22.11 -24.23
C LYS A 232 -23.19 -21.09 -23.17
N THR A 233 -21.88 -20.94 -22.94
CA THR A 233 -21.32 -19.95 -21.99
C THR A 233 -21.53 -18.52 -22.52
N ILE A 234 -21.20 -18.31 -23.80
CA ILE A 234 -21.43 -17.03 -24.54
C ILE A 234 -22.93 -16.69 -24.47
N ASP A 235 -23.80 -17.66 -24.76
CA ASP A 235 -25.28 -17.45 -24.81
C ASP A 235 -25.79 -17.01 -23.43
N GLU A 236 -25.44 -17.78 -22.41
CA GLU A 236 -25.79 -17.55 -20.99
C GLU A 236 -25.08 -16.28 -20.50
N GLY A 237 -23.92 -15.96 -21.07
CA GLY A 237 -23.17 -14.70 -20.82
C GLY A 237 -23.97 -13.46 -21.20
N ASP A 238 -25.02 -13.63 -22.02
CA ASP A 238 -25.98 -12.57 -22.46
C ASP A 238 -25.37 -11.79 -23.63
N ALA A 239 -24.63 -12.49 -24.50
CA ALA A 239 -23.92 -11.90 -25.66
C ALA A 239 -24.91 -11.64 -26.80
N ASP A 240 -24.68 -10.58 -27.58
CA ASP A 240 -25.62 -10.07 -28.62
C ASP A 240 -25.53 -10.97 -29.86
N GLU A 241 -26.53 -10.87 -30.73
CA GLU A 241 -26.70 -11.75 -31.92
C GLU A 241 -25.58 -11.49 -32.95
N VAL A 242 -25.14 -10.25 -33.10
CA VAL A 242 -24.06 -9.86 -34.05
C VAL A 242 -22.73 -10.48 -33.60
N THR A 243 -22.50 -10.55 -32.29
CA THR A 243 -21.29 -11.18 -31.67
C THR A 243 -21.27 -12.67 -32.01
N LYS A 244 -22.41 -13.35 -31.88
CA LYS A 244 -22.53 -14.80 -32.22
C LYS A 244 -22.23 -15.04 -33.72
N GLU A 245 -22.53 -14.07 -34.59
CA GLU A 245 -22.28 -14.20 -36.05
C GLU A 245 -20.76 -14.20 -36.34
N ARG A 246 -19.92 -13.60 -35.49
CA ARG A 246 -18.44 -13.56 -35.68
C ARG A 246 -17.87 -14.99 -35.67
N ILE A 247 -18.44 -15.87 -34.84
CA ILE A 247 -18.06 -17.32 -34.73
C ILE A 247 -18.57 -18.05 -35.98
N HIS A 248 -19.90 -18.10 -36.12
CA HIS A 248 -20.63 -18.98 -37.06
C HIS A 248 -20.29 -18.63 -38.51
N ASP A 249 -20.05 -17.35 -38.81
CA ASP A 249 -19.90 -16.85 -40.21
C ASP A 249 -18.42 -16.64 -40.58
N HIS A 250 -17.63 -15.99 -39.72
CA HIS A 250 -16.24 -15.54 -40.04
C HIS A 250 -15.19 -16.51 -39.48
N LYS A 251 -15.62 -17.48 -38.65
CA LYS A 251 -14.76 -18.54 -38.03
C LYS A 251 -13.62 -17.90 -37.24
N GLU A 252 -13.84 -16.76 -36.58
CA GLU A 252 -12.85 -16.07 -35.70
C GLU A 252 -12.71 -16.87 -34.38
N LYS A 253 -11.53 -16.80 -33.75
CA LYS A 253 -11.23 -17.54 -32.49
C LYS A 253 -11.63 -16.71 -31.28
N PRO A 254 -12.66 -17.13 -30.51
CA PRO A 254 -13.07 -16.42 -29.29
C PRO A 254 -12.17 -16.77 -28.09
N GLY A 255 -11.67 -15.75 -27.38
CA GLY A 255 -10.74 -15.91 -26.25
C GLY A 255 -11.43 -15.82 -24.90
N ALA A 256 -12.08 -14.70 -24.60
CA ALA A 256 -12.55 -14.36 -23.23
C ALA A 256 -13.91 -13.64 -23.27
N LEU A 257 -14.78 -13.98 -22.31
CA LEU A 257 -16.07 -13.29 -22.04
C LEU A 257 -15.85 -12.25 -20.93
N TRP A 258 -16.05 -10.97 -21.27
CA TRP A 258 -15.98 -9.82 -20.33
C TRP A 258 -17.39 -9.38 -19.95
N HIS A 259 -17.56 -8.89 -18.72
CA HIS A 259 -18.67 -8.00 -18.30
C HIS A 259 -18.07 -6.70 -17.76
N ILE A 260 -18.46 -5.57 -18.33
CA ILE A 260 -18.02 -4.20 -17.92
C ILE A 260 -19.25 -3.38 -17.54
N TYR A 261 -19.13 -2.60 -16.47
CA TYR A 261 -20.20 -1.70 -15.96
C TYR A 261 -19.67 -0.27 -15.91
N ALA A 262 -20.55 0.70 -16.18
CA ALA A 262 -20.26 2.16 -16.10
C ALA A 262 -19.76 2.51 -14.70
N ALA A 263 -18.70 3.33 -14.64
CA ALA A 263 -18.12 3.89 -13.39
C ALA A 263 -19.21 4.41 -12.45
N LYS A 264 -20.27 5.01 -12.99
CA LYS A 264 -21.32 5.68 -12.17
C LYS A 264 -22.23 4.63 -11.50
N ASP A 265 -22.13 3.36 -11.89
CA ASP A 265 -22.97 2.26 -11.32
C ASP A 265 -22.20 1.47 -10.23
N ALA A 266 -20.96 1.88 -9.89
CA ALA A 266 -20.06 1.14 -8.97
C ALA A 266 -20.72 0.94 -7.60
N GLU A 267 -21.36 1.97 -7.05
CA GLU A 267 -21.88 1.94 -5.66
C GLU A 267 -23.12 1.04 -5.60
N LYS A 268 -23.95 1.02 -6.64
CA LYS A 268 -25.14 0.13 -6.68
C LYS A 268 -24.67 -1.32 -6.65
N ILE A 269 -23.61 -1.64 -7.40
CA ILE A 269 -23.00 -3.01 -7.45
C ILE A 269 -22.49 -3.36 -6.04
N ARG A 270 -21.79 -2.44 -5.37
CA ARG A 270 -21.37 -2.65 -3.96
C ARG A 270 -22.60 -2.97 -3.08
N GLU A 271 -23.71 -2.26 -3.24
CA GLU A 271 -24.94 -2.47 -2.42
C GLU A 271 -25.47 -3.89 -2.62
N LEU A 272 -25.53 -4.39 -3.87
CA LEU A 272 -25.98 -5.78 -4.15
C LEU A 272 -25.08 -6.77 -3.40
N LEU A 273 -23.76 -6.63 -3.57
CA LEU A 273 -22.75 -7.62 -3.09
C LEU A 273 -22.67 -7.60 -1.55
N ARG A 274 -22.94 -6.46 -0.91
CA ARG A 274 -23.09 -6.39 0.56
C ARG A 274 -24.29 -7.22 1.01
N LYS A 275 -25.44 -7.07 0.35
CA LYS A 275 -26.69 -7.80 0.67
C LYS A 275 -26.47 -9.31 0.49
N VAL A 276 -25.89 -9.72 -0.65
CA VAL A 276 -25.67 -11.16 -0.99
C VAL A 276 -24.65 -11.76 0.00
N GLY A 277 -23.60 -11.01 0.34
CA GLY A 277 -22.64 -11.39 1.40
C GLY A 277 -23.35 -11.74 2.69
N GLU A 278 -24.18 -10.83 3.21
CA GLU A 278 -24.94 -11.02 4.47
C GLU A 278 -25.82 -12.27 4.35
N GLU A 279 -26.56 -12.40 3.23
CA GLU A 279 -27.41 -13.58 2.93
C GLU A 279 -26.60 -14.88 3.08
N GLN A 280 -25.32 -14.84 2.67
CA GLN A 280 -24.44 -16.02 2.60
C GLN A 280 -23.65 -16.17 3.91
N GLY A 281 -24.11 -15.50 4.99
CA GLY A 281 -23.53 -15.68 6.33
C GLY A 281 -22.24 -14.90 6.54
N GLN A 282 -21.60 -14.35 5.50
CA GLN A 282 -20.43 -13.43 5.66
C GLN A 282 -20.78 -12.38 6.73
N GLU A 283 -19.83 -12.02 7.58
CA GLU A 283 -20.03 -11.01 8.66
C GLU A 283 -19.08 -9.84 8.41
N ASN A 284 -19.49 -8.89 7.58
CA ASN A 284 -18.65 -7.76 7.10
C ASN A 284 -19.15 -6.45 7.70
N PRO A 285 -18.27 -5.49 8.06
CA PRO A 285 -18.70 -4.13 8.38
C PRO A 285 -19.54 -3.50 7.27
N PRO A 286 -20.44 -2.53 7.57
CA PRO A 286 -21.43 -2.06 6.60
C PRO A 286 -20.82 -1.16 5.52
N ASP A 287 -19.56 -0.72 5.70
CA ASP A 287 -18.84 0.22 4.81
C ASP A 287 -17.78 -0.51 3.99
N HIS A 288 -17.64 -1.83 4.13
CA HIS A 288 -16.57 -2.63 3.46
C HIS A 288 -16.83 -2.63 1.95
N ASP A 289 -15.76 -2.81 1.17
CA ASP A 289 -15.77 -2.58 -0.30
C ASP A 289 -15.61 -3.92 -1.02
N PRO A 290 -16.71 -4.60 -1.40
CA PRO A 290 -16.62 -5.90 -2.06
C PRO A 290 -16.04 -5.87 -3.48
N ILE A 291 -15.95 -4.70 -4.10
CA ILE A 291 -15.29 -4.52 -5.44
C ILE A 291 -13.78 -4.47 -5.22
N HIS A 292 -13.29 -3.69 -4.25
CA HIS A 292 -11.84 -3.61 -3.94
C HIS A 292 -11.33 -4.98 -3.45
N ASP A 293 -12.19 -5.76 -2.76
CA ASP A 293 -11.87 -7.13 -2.26
C ASP A 293 -11.51 -8.08 -3.41
N GLN A 294 -12.08 -7.84 -4.60
CA GLN A 294 -11.79 -8.63 -5.82
C GLN A 294 -12.08 -10.12 -5.54
N SER A 295 -13.16 -10.39 -4.81
CA SER A 295 -13.52 -11.76 -4.35
C SER A 295 -14.78 -12.29 -5.07
N TRP A 296 -15.47 -11.47 -5.87
CA TRP A 296 -16.77 -11.81 -6.49
C TRP A 296 -16.64 -12.00 -8.01
N TYR A 297 -17.35 -13.00 -8.57
CA TYR A 297 -17.69 -13.09 -10.02
C TYR A 297 -19.21 -13.01 -10.18
N LEU A 298 -19.73 -12.08 -11.00
CA LEU A 298 -21.19 -11.96 -11.25
C LEU A 298 -21.59 -13.03 -12.29
N ASP A 299 -22.16 -14.13 -11.83
CA ASP A 299 -22.72 -15.23 -12.67
C ASP A 299 -24.10 -14.79 -13.20
N GLN A 300 -24.75 -15.62 -14.02
CA GLN A 300 -26.07 -15.29 -14.63
C GLN A 300 -27.08 -14.88 -13.55
N THR A 301 -27.08 -15.53 -12.38
CA THR A 301 -28.05 -15.24 -11.27
C THR A 301 -27.83 -13.83 -10.73
N LEU A 302 -26.57 -13.45 -10.47
CA LEU A 302 -26.24 -12.12 -9.88
C LEU A 302 -26.41 -11.00 -10.92
N ARG A 303 -26.13 -11.27 -12.21
CA ARG A 303 -26.27 -10.23 -13.28
C ARG A 303 -27.76 -9.93 -13.47
N LYS A 304 -28.59 -10.98 -13.46
CA LYS A 304 -30.07 -10.87 -13.58
C LYS A 304 -30.61 -10.02 -12.42
N ARG A 305 -30.15 -10.33 -11.21
CA ARG A 305 -30.57 -9.67 -9.94
C ARG A 305 -30.16 -8.19 -9.94
N LEU A 306 -28.96 -7.89 -10.46
CA LEU A 306 -28.40 -6.50 -10.56
C LEU A 306 -29.30 -5.66 -11.47
N TYR A 307 -29.73 -6.25 -12.58
CA TYR A 307 -30.69 -5.64 -13.55
C TYR A 307 -32.04 -5.40 -12.86
N GLU A 308 -32.67 -6.46 -12.32
CA GLU A 308 -34.07 -6.43 -11.80
C GLU A 308 -34.20 -5.54 -10.55
N GLU A 309 -33.26 -5.64 -9.59
CA GLU A 309 -33.40 -5.04 -8.23
C GLU A 309 -32.69 -3.67 -8.13
N TYR A 310 -31.76 -3.35 -9.03
CA TYR A 310 -30.96 -2.09 -8.97
C TYR A 310 -31.01 -1.32 -10.29
N GLY A 311 -31.68 -1.89 -11.31
CA GLY A 311 -31.80 -1.30 -12.66
C GLY A 311 -30.46 -1.02 -13.32
N VAL A 312 -29.44 -1.86 -13.05
CA VAL A 312 -28.06 -1.70 -13.63
C VAL A 312 -27.84 -2.74 -14.74
N GLN A 313 -27.44 -2.28 -15.92
CA GLN A 313 -27.07 -3.16 -17.08
C GLN A 313 -25.63 -2.88 -17.50
N GLY A 314 -24.94 -3.92 -17.95
CA GLY A 314 -23.53 -3.85 -18.35
C GLY A 314 -23.36 -4.14 -19.82
N TRP A 315 -22.09 -4.23 -20.25
CA TRP A 315 -21.66 -4.63 -21.61
C TRP A 315 -21.08 -6.04 -21.49
N ALA A 316 -21.70 -7.02 -22.15
CA ALA A 316 -21.14 -8.38 -22.36
C ALA A 316 -20.31 -8.37 -23.64
N ILE A 317 -18.99 -8.52 -23.54
CA ILE A 317 -18.02 -8.37 -24.67
C ILE A 317 -17.28 -9.70 -24.84
N VAL A 318 -17.31 -10.27 -26.04
CA VAL A 318 -16.44 -11.44 -26.37
C VAL A 318 -15.19 -10.88 -27.08
N GLN A 319 -14.03 -11.07 -26.46
CA GLN A 319 -12.72 -10.60 -26.98
C GLN A 319 -12.12 -11.76 -27.81
N PHE A 320 -12.11 -11.62 -29.14
CA PHE A 320 -11.54 -12.59 -30.09
C PHE A 320 -10.05 -12.31 -30.29
N LEU A 321 -9.31 -13.24 -30.91
CA LEU A 321 -7.89 -13.02 -31.30
C LEU A 321 -7.75 -11.65 -31.98
N GLY A 322 -6.87 -10.80 -31.45
CA GLY A 322 -6.52 -9.50 -32.06
C GLY A 322 -7.41 -8.35 -31.61
N ASP A 323 -8.46 -8.63 -30.84
CA ASP A 323 -9.38 -7.62 -30.27
C ASP A 323 -8.72 -6.87 -29.11
N ALA A 324 -8.71 -5.53 -29.18
CA ALA A 324 -8.25 -4.62 -28.10
C ALA A 324 -9.48 -4.08 -27.36
N VAL A 325 -9.60 -4.40 -26.06
CA VAL A 325 -10.68 -3.88 -25.17
C VAL A 325 -10.17 -2.64 -24.42
N PHE A 326 -10.81 -1.48 -24.64
CA PHE A 326 -10.57 -0.21 -23.90
C PHE A 326 -11.48 -0.16 -22.66
N ILE A 327 -10.89 -0.14 -21.46
CA ILE A 327 -11.61 -0.14 -20.15
C ILE A 327 -11.52 1.25 -19.53
N PRO A 328 -12.65 1.98 -19.39
CA PRO A 328 -12.62 3.31 -18.76
C PRO A 328 -12.25 3.25 -17.27
N ALA A 329 -11.46 4.23 -16.81
CA ALA A 329 -11.14 4.42 -15.37
C ALA A 329 -12.43 4.37 -14.55
N GLY A 330 -12.42 3.63 -13.44
CA GLY A 330 -13.54 3.57 -12.50
C GLY A 330 -14.58 2.53 -12.89
N ALA A 331 -14.48 1.93 -14.09
CA ALA A 331 -15.48 0.95 -14.58
C ALA A 331 -15.23 -0.42 -13.95
N PRO A 332 -16.14 -0.96 -13.09
CA PRO A 332 -16.04 -2.35 -12.64
C PRO A 332 -16.03 -3.32 -13.84
N HIS A 333 -15.13 -4.31 -13.83
CA HIS A 333 -15.06 -5.35 -14.90
C HIS A 333 -14.58 -6.70 -14.35
N GLN A 334 -14.97 -7.77 -15.05
CA GLN A 334 -14.59 -9.18 -14.76
C GLN A 334 -14.31 -9.90 -16.08
N VAL A 335 -13.46 -10.93 -16.05
CA VAL A 335 -13.01 -11.72 -17.24
C VAL A 335 -13.19 -13.22 -16.97
N HIS A 336 -13.68 -13.96 -17.97
CA HIS A 336 -13.90 -15.43 -17.97
C HIS A 336 -13.36 -16.00 -19.28
N ASN A 337 -12.17 -16.63 -19.24
CA ASN A 337 -11.50 -17.22 -20.42
C ASN A 337 -12.35 -18.39 -20.94
N LEU A 338 -12.63 -18.40 -22.24
CA LEU A 338 -13.37 -19.50 -22.92
C LEU A 338 -12.35 -20.53 -23.37
N TYR A 339 -11.23 -20.08 -23.95
CA TYR A 339 -10.04 -20.92 -24.26
C TYR A 339 -8.81 -20.36 -23.53
N SER A 340 -7.66 -20.97 -23.76
CA SER A 340 -6.37 -20.53 -23.15
C SER A 340 -5.94 -19.24 -23.85
N CYS A 341 -5.63 -18.20 -23.07
CA CYS A 341 -5.39 -16.83 -23.58
C CYS A 341 -4.04 -16.27 -23.13
N ILE A 342 -3.36 -15.60 -24.06
CA ILE A 342 -2.27 -14.64 -23.77
C ILE A 342 -2.81 -13.23 -24.05
N LYS A 343 -2.90 -12.40 -23.00
CA LYS A 343 -3.34 -10.99 -23.11
C LYS A 343 -2.21 -10.07 -22.64
N VAL A 344 -2.07 -8.90 -23.27
CA VAL A 344 -1.12 -7.83 -22.85
C VAL A 344 -1.88 -6.52 -22.71
N ALA A 345 -1.75 -5.85 -21.56
CA ALA A 345 -2.52 -4.65 -21.16
C ALA A 345 -1.55 -3.51 -20.85
N GLU A 346 -1.89 -2.28 -21.28
CA GLU A 346 -1.16 -1.02 -20.99
C GLU A 346 -2.12 -0.02 -20.32
N ASP A 347 -1.69 0.56 -19.18
CA ASP A 347 -2.41 1.66 -18.50
C ASP A 347 -2.09 3.00 -19.18
N PHE A 348 -3.02 3.95 -19.10
CA PHE A 348 -2.88 5.35 -19.60
C PHE A 348 -3.90 6.23 -18.86
N VAL A 349 -3.73 7.56 -18.90
CA VAL A 349 -4.60 8.54 -18.20
C VAL A 349 -5.14 9.55 -19.23
N SER A 350 -6.37 9.33 -19.71
CA SER A 350 -7.04 10.25 -20.67
C SER A 350 -7.56 11.48 -19.92
N PRO A 351 -7.63 12.66 -20.56
CA PRO A 351 -8.15 13.85 -19.90
C PRO A 351 -9.64 13.69 -19.56
N GLU A 352 -10.35 12.91 -20.37
CA GLU A 352 -11.78 12.53 -20.19
C GLU A 352 -12.03 11.98 -18.77
N HIS A 353 -11.11 11.19 -18.20
CA HIS A 353 -11.41 10.36 -16.99
C HIS A 353 -10.45 10.65 -15.83
N VAL A 354 -9.64 11.70 -15.94
CA VAL A 354 -8.56 12.04 -14.95
C VAL A 354 -9.16 12.19 -13.54
N LYS A 355 -10.44 12.57 -13.42
CA LYS A 355 -11.13 12.70 -12.11
C LYS A 355 -10.96 11.45 -11.26
N HIS A 356 -10.94 10.26 -11.88
CA HIS A 356 -10.98 8.95 -11.17
C HIS A 356 -9.69 8.67 -10.40
N CYS A 357 -8.57 9.34 -10.72
CA CYS A 357 -7.27 9.09 -10.04
C CYS A 357 -6.88 10.28 -9.12
N PHE A 358 -7.75 11.29 -8.96
CA PHE A 358 -7.51 12.50 -8.11
C PHE A 358 -7.66 12.12 -6.63
N ARG A 359 -6.71 12.57 -5.80
CA ARG A 359 -6.60 12.16 -4.37
C ARG A 359 -7.51 12.98 -3.43
N LEU A 360 -8.26 13.98 -3.91
CA LEU A 360 -9.06 14.86 -3.00
C LEU A 360 -10.55 14.88 -3.34
N THR A 361 -11.34 15.32 -2.34
CA THR A 361 -12.83 15.44 -2.32
C THR A 361 -13.46 14.08 -2.64
N MET B 23 11.96 14.27 48.47
CA MET B 23 10.60 14.89 48.34
C MET B 23 10.31 15.34 46.91
N THR B 24 11.17 15.03 45.92
CA THR B 24 10.86 15.23 44.47
C THR B 24 9.57 14.46 44.13
N SER B 25 8.59 15.16 43.57
CA SER B 25 7.30 14.56 43.10
C SER B 25 7.58 13.56 41.98
N HIS B 26 7.23 12.31 42.19
CA HIS B 26 7.47 11.19 41.23
C HIS B 26 6.52 10.04 41.53
N SER B 27 6.42 9.11 40.59
CA SER B 27 5.72 7.82 40.74
C SER B 27 6.37 6.83 39.78
N TRP B 28 5.95 5.57 39.84
CA TRP B 28 6.52 4.47 39.03
C TRP B 28 5.38 3.86 38.20
N LEU B 29 5.59 3.69 36.90
CA LEU B 29 4.61 3.03 35.98
C LEU B 29 5.25 1.79 35.37
N CYS B 30 4.59 1.17 34.38
CA CYS B 30 4.99 -0.15 33.83
C CYS B 30 5.28 -1.09 35.00
N ASP B 31 4.38 -1.15 35.98
CA ASP B 31 4.44 -2.09 37.13
C ASP B 31 5.76 -1.85 37.89
N GLY B 32 6.01 -0.59 38.27
CA GLY B 32 7.14 -0.16 39.13
C GLY B 32 8.47 0.02 38.41
N ARG B 33 8.55 -0.29 37.11
CA ARG B 33 9.84 -0.30 36.33
C ARG B 33 10.12 1.01 35.57
N LEU B 34 9.20 1.96 35.51
CA LEU B 34 9.40 3.25 34.78
C LEU B 34 9.27 4.43 35.74
N LEU B 35 10.36 5.17 35.94
CA LEU B 35 10.33 6.44 36.70
C LEU B 35 9.54 7.47 35.91
N CYS B 36 8.55 8.10 36.57
CA CYS B 36 7.82 9.30 36.05
C CYS B 36 8.01 10.48 37.01
N LEU B 37 8.69 11.54 36.55
CA LEU B 37 8.93 12.80 37.33
C LEU B 37 7.85 13.82 36.96
N HIS B 38 7.22 14.46 37.95
CA HIS B 38 5.96 15.24 37.75
C HIS B 38 6.18 16.76 37.72
N ASP B 39 7.33 17.27 38.15
CA ASP B 39 7.63 18.73 38.06
C ASP B 39 8.81 18.94 37.12
N PRO B 40 8.56 19.35 35.85
CA PRO B 40 9.63 19.46 34.85
C PRO B 40 10.75 20.44 35.23
N SER B 41 10.50 21.38 36.14
CA SER B 41 11.47 22.45 36.50
C SER B 41 12.08 22.23 37.89
N ASN B 42 11.80 21.10 38.57
CA ASN B 42 12.35 20.80 39.92
C ASN B 42 13.86 20.54 39.80
N LYS B 43 14.65 21.32 40.56
CA LYS B 43 16.14 21.34 40.49
C LYS B 43 16.75 20.01 40.96
N ASN B 44 15.96 19.16 41.61
CA ASN B 44 16.39 17.86 42.23
C ASN B 44 16.06 16.65 41.35
N ASN B 45 15.47 16.86 40.16
CA ASN B 45 15.04 15.77 39.24
C ASN B 45 16.19 14.77 38.99
N TRP B 46 17.43 15.26 38.87
CA TRP B 46 18.65 14.48 38.53
C TRP B 46 18.89 13.33 39.52
N LYS B 47 18.46 13.48 40.79
CA LYS B 47 18.84 12.57 41.91
C LYS B 47 18.35 11.13 41.65
N ILE B 48 17.04 10.94 41.47
CA ILE B 48 16.43 9.60 41.21
C ILE B 48 16.65 9.21 39.73
N PHE B 49 16.76 10.20 38.84
CA PHE B 49 17.04 10.02 37.40
C PHE B 49 18.34 9.20 37.20
N ARG B 50 19.39 9.58 37.94
CA ARG B 50 20.78 9.08 37.77
C ARG B 50 20.80 7.54 37.72
N GLU B 51 20.29 6.87 38.76
CA GLU B 51 20.40 5.40 38.88
C GLU B 51 19.58 4.71 37.79
N CYS B 52 18.36 5.17 37.49
CA CYS B 52 17.54 4.61 36.38
C CYS B 52 18.33 4.69 35.06
N TRP B 53 18.90 5.86 34.77
CA TRP B 53 19.65 6.14 33.51
C TRP B 53 20.89 5.24 33.45
N LYS B 54 21.61 5.10 34.57
CA LYS B 54 22.84 4.26 34.68
C LYS B 54 22.52 2.80 34.34
N GLN B 55 21.36 2.30 34.76
CA GLN B 55 20.87 0.94 34.43
C GLN B 55 20.27 0.85 33.02
N GLY B 56 20.35 1.91 32.20
CA GLY B 56 19.91 1.87 30.78
C GLY B 56 18.40 1.89 30.62
N GLN B 57 17.66 2.39 31.61
CA GLN B 57 16.17 2.48 31.59
C GLN B 57 15.75 3.79 30.90
N PRO B 58 14.64 3.80 30.14
CA PRO B 58 14.01 5.07 29.77
C PRO B 58 13.41 5.73 31.03
N VAL B 59 13.17 7.03 30.97
CA VAL B 59 12.52 7.85 32.04
C VAL B 59 11.51 8.76 31.35
N LEU B 60 10.41 9.06 32.05
CA LEU B 60 9.35 10.01 31.58
C LEU B 60 9.24 11.21 32.54
N VAL B 61 9.13 12.42 31.99
CA VAL B 61 8.84 13.69 32.72
C VAL B 61 7.54 14.26 32.15
N SER B 62 6.55 14.52 33.01
CA SER B 62 5.21 15.04 32.63
C SER B 62 5.14 16.56 32.84
N GLY B 63 4.20 17.23 32.17
CA GLY B 63 3.81 18.63 32.43
C GLY B 63 4.64 19.65 31.67
N VAL B 64 5.34 19.27 30.59
CA VAL B 64 6.18 20.23 29.83
C VAL B 64 5.29 21.19 29.02
N HIS B 65 4.09 20.76 28.62
CA HIS B 65 3.12 21.58 27.85
C HIS B 65 2.76 22.84 28.63
N LYS B 66 2.69 22.74 29.97
CA LYS B 66 2.29 23.86 30.86
C LYS B 66 3.36 24.97 30.87
N LYS B 67 4.57 24.70 30.39
CA LYS B 67 5.71 25.66 30.42
C LYS B 67 5.86 26.38 29.07
N LEU B 68 5.19 25.91 28.03
CA LEU B 68 5.39 26.39 26.63
C LEU B 68 4.30 27.43 26.29
N LYS B 69 4.57 28.29 25.31
CA LYS B 69 3.54 29.16 24.68
C LYS B 69 2.67 28.33 23.73
N SER B 70 1.51 27.87 24.19
CA SER B 70 0.68 26.84 23.51
C SER B 70 0.23 27.28 22.12
N GLU B 71 0.04 28.59 21.89
CA GLU B 71 -0.40 29.15 20.58
C GLU B 71 0.67 28.93 19.51
N LEU B 72 1.94 28.72 19.89
CA LEU B 72 3.06 28.47 18.93
C LEU B 72 3.00 27.03 18.37
N TRP B 73 2.30 26.11 19.04
CA TRP B 73 2.39 24.63 18.80
C TRP B 73 1.08 24.09 18.21
N LYS B 74 0.28 24.93 17.56
CA LYS B 74 -1.04 24.56 16.97
C LYS B 74 -0.88 24.23 15.49
N PRO B 75 -1.58 23.19 14.97
CA PRO B 75 -1.52 22.87 13.54
C PRO B 75 -1.88 24.05 12.61
N GLU B 76 -2.86 24.86 13.02
CA GLU B 76 -3.40 26.01 12.24
C GLU B 76 -2.27 27.02 12.04
N ALA B 77 -1.46 27.28 13.07
CA ALA B 77 -0.37 28.29 13.01
C ALA B 77 0.73 27.82 12.06
N PHE B 78 1.04 26.52 12.06
CA PHE B 78 2.06 25.94 11.14
C PHE B 78 1.56 26.08 9.69
N SER B 79 0.27 25.81 9.46
CA SER B 79 -0.39 25.93 8.13
C SER B 79 -0.35 27.38 7.66
N GLN B 80 -0.76 28.34 8.50
CA GLN B 80 -0.84 29.77 8.11
C GLN B 80 0.55 30.33 7.86
N GLU B 81 1.57 29.86 8.59
CA GLU B 81 2.93 30.48 8.53
C GLU B 81 3.78 29.83 7.44
N PHE B 82 3.62 28.53 7.19
CA PHE B 82 4.56 27.78 6.31
C PHE B 82 3.81 26.98 5.23
N GLY B 83 2.52 27.25 5.04
CA GLY B 83 1.59 26.41 4.24
C GLY B 83 1.98 26.24 2.78
N ASP B 84 2.71 27.20 2.18
CA ASP B 84 2.97 27.21 0.71
C ASP B 84 4.35 26.60 0.39
N GLN B 85 4.99 25.95 1.38
CA GLN B 85 6.27 25.22 1.18
C GLN B 85 5.98 23.87 0.52
N ASP B 86 6.90 23.41 -0.32
CA ASP B 86 6.80 22.09 -1.00
C ASP B 86 7.45 21.03 -0.10
N VAL B 87 6.82 19.87 0.03
CA VAL B 87 7.23 18.81 1.00
C VAL B 87 6.88 17.42 0.46
N ASP B 88 7.62 16.39 0.91
CA ASP B 88 7.27 14.96 0.72
C ASP B 88 6.50 14.46 1.95
N LEU B 89 5.47 13.65 1.72
CA LEU B 89 4.74 12.87 2.78
C LEU B 89 5.03 11.38 2.58
N VAL B 90 4.76 10.57 3.61
CA VAL B 90 4.91 9.08 3.61
C VAL B 90 3.56 8.48 4.03
N ASN B 91 3.02 7.59 3.21
CA ASN B 91 1.85 6.75 3.56
C ASN B 91 2.34 5.70 4.57
N CYS B 92 1.84 5.76 5.80
CA CYS B 92 2.31 4.92 6.95
C CYS B 92 1.94 3.44 6.73
N ARG B 93 0.83 3.17 6.04
CA ARG B 93 0.32 1.78 5.79
C ARG B 93 1.24 1.01 4.83
N ASN B 94 1.78 1.66 3.79
CA ASN B 94 2.53 0.96 2.70
C ASN B 94 3.94 1.54 2.50
N CYS B 95 4.34 2.55 3.27
CA CYS B 95 5.68 3.23 3.21
C CYS B 95 5.93 3.92 1.85
N ALA B 96 4.88 4.20 1.07
CA ALA B 96 5.00 4.94 -0.23
C ALA B 96 5.26 6.43 0.03
N ILE B 97 6.06 7.07 -0.83
CA ILE B 97 6.32 8.54 -0.81
C ILE B 97 5.29 9.26 -1.68
N ILE B 98 4.60 10.26 -1.11
CA ILE B 98 3.81 11.26 -1.88
C ILE B 98 4.69 12.51 -2.04
N SER B 99 5.26 12.71 -3.22
CA SER B 99 6.39 13.65 -3.45
C SER B 99 5.88 15.01 -3.95
N ASP B 100 6.39 16.08 -3.35
CA ASP B 100 6.24 17.48 -3.84
C ASP B 100 4.78 17.93 -3.73
N VAL B 101 4.22 17.86 -2.53
CA VAL B 101 2.89 18.48 -2.22
C VAL B 101 3.10 19.71 -1.33
N LYS B 102 2.02 20.41 -1.01
CA LYS B 102 2.04 21.63 -0.16
C LYS B 102 1.91 21.22 1.31
N VAL B 103 2.75 21.80 2.16
CA VAL B 103 2.71 21.65 3.65
C VAL B 103 1.27 21.82 4.16
N ARG B 104 0.53 22.80 3.63
CA ARG B 104 -0.86 23.12 4.08
C ARG B 104 -1.79 21.92 3.83
N ASP B 105 -1.46 21.06 2.86
CA ASP B 105 -2.29 19.89 2.49
C ASP B 105 -2.11 18.75 3.50
N PHE B 106 -0.98 18.72 4.23
CA PHE B 106 -0.78 17.85 5.40
C PHE B 106 -1.57 18.39 6.60
N TRP B 107 -1.34 19.66 6.97
CA TRP B 107 -1.89 20.26 8.23
C TRP B 107 -3.42 20.37 8.19
N ASP B 108 -4.03 20.65 7.04
CA ASP B 108 -5.49 20.94 6.97
C ASP B 108 -6.28 19.64 7.23
N GLY B 109 -5.66 18.46 7.03
CA GLY B 109 -6.25 17.14 7.33
C GLY B 109 -5.85 16.57 8.68
N PHE B 110 -5.06 17.31 9.47
CA PHE B 110 -4.50 16.85 10.78
C PHE B 110 -5.63 16.31 11.66
N GLU B 111 -6.73 17.05 11.78
CA GLU B 111 -7.89 16.67 12.63
C GLU B 111 -9.20 16.54 11.83
N ILE B 112 -9.26 16.99 10.57
CA ILE B 112 -10.47 16.81 9.69
C ILE B 112 -10.18 15.71 8.67
N ILE B 113 -10.69 14.50 8.92
CA ILE B 113 -10.39 13.28 8.11
C ILE B 113 -10.81 13.48 6.65
N CYS B 114 -11.97 14.08 6.40
CA CYS B 114 -12.57 14.19 5.04
C CYS B 114 -11.67 15.09 4.17
N LYS B 115 -10.83 15.93 4.79
CA LYS B 115 -9.90 16.86 4.09
C LYS B 115 -8.56 16.18 3.74
N ARG B 116 -8.39 14.89 4.02
CA ARG B 116 -7.08 14.18 3.84
C ARG B 116 -6.92 13.69 2.40
N LEU B 117 -5.68 13.65 1.90
CA LEU B 117 -5.32 12.99 0.61
C LEU B 117 -5.69 11.50 0.74
N ARG B 118 -6.25 10.92 -0.33
CA ARG B 118 -6.75 9.51 -0.32
C ARG B 118 -5.83 8.63 -1.15
N SER B 119 -5.87 7.32 -0.87
CA SER B 119 -5.08 6.27 -1.57
C SER B 119 -5.89 5.71 -2.74
N GLU B 120 -5.28 4.85 -3.56
CA GLU B 120 -5.87 4.18 -4.76
C GLU B 120 -7.27 3.63 -4.44
N ASP B 121 -7.48 3.17 -3.21
CA ASP B 121 -8.73 2.47 -2.77
C ASP B 121 -9.79 3.49 -2.34
N GLY B 122 -9.53 4.79 -2.48
CA GLY B 122 -10.45 5.86 -2.07
C GLY B 122 -10.45 6.18 -0.58
N GLN B 123 -9.63 5.51 0.25
CA GLN B 123 -9.62 5.72 1.73
C GLN B 123 -8.73 6.90 2.10
N PRO B 124 -9.10 7.69 3.14
CA PRO B 124 -8.22 8.72 3.67
C PRO B 124 -6.90 8.10 4.13
N MET B 125 -5.76 8.70 3.77
CA MET B 125 -4.44 8.13 4.09
C MET B 125 -4.03 8.51 5.52
N VAL B 126 -3.27 7.63 6.17
CA VAL B 126 -2.53 7.94 7.43
C VAL B 126 -1.12 8.39 7.01
N LEU B 127 -0.82 9.68 7.19
CA LEU B 127 0.38 10.30 6.57
C LEU B 127 1.31 10.83 7.66
N LYS B 128 2.62 10.79 7.38
CA LYS B 128 3.65 11.48 8.19
C LYS B 128 4.38 12.51 7.32
N LEU B 129 4.54 13.71 7.85
CA LEU B 129 5.36 14.78 7.22
C LEU B 129 6.83 14.37 7.35
N LYS B 130 7.50 14.15 6.22
CA LYS B 130 8.90 13.66 6.17
C LYS B 130 9.88 14.84 6.15
N ASP B 131 10.86 14.82 7.06
CA ASP B 131 12.07 15.70 7.08
C ASP B 131 11.65 17.17 7.02
N TRP B 132 10.86 17.63 7.99
CA TRP B 132 10.36 19.03 8.03
C TRP B 132 10.36 19.59 9.45
N PRO B 133 10.96 20.79 9.69
CA PRO B 133 11.81 21.47 8.71
C PRO B 133 12.93 20.55 8.21
N PRO B 134 13.48 20.78 7.01
CA PRO B 134 14.49 19.88 6.45
C PRO B 134 15.88 20.09 7.07
N GLY B 135 16.63 18.98 7.19
CA GLY B 135 17.99 18.94 7.76
C GLY B 135 18.04 19.58 9.13
N GLU B 136 18.81 20.66 9.28
CA GLU B 136 19.05 21.39 10.55
C GLU B 136 18.44 22.81 10.45
N ASP B 137 17.34 22.96 9.71
CA ASP B 137 16.72 24.28 9.42
C ASP B 137 15.81 24.74 10.56
N PHE B 138 15.54 23.90 11.56
CA PHE B 138 14.55 24.18 12.64
C PHE B 138 14.86 25.54 13.26
N ARG B 139 16.12 25.77 13.61
CA ARG B 139 16.55 27.00 14.33
C ARG B 139 16.33 28.24 13.45
N ASP B 140 16.75 28.18 12.18
CA ASP B 140 16.62 29.32 11.22
C ASP B 140 15.16 29.50 10.83
N MET B 141 14.46 28.42 10.50
CA MET B 141 13.06 28.52 10.01
C MET B 141 12.14 28.95 11.15
N MET B 142 12.37 28.46 12.37
CA MET B 142 11.42 28.59 13.51
C MET B 142 12.13 29.08 14.77
N PRO B 143 12.75 30.29 14.75
CA PRO B 143 13.55 30.76 15.88
C PRO B 143 12.81 30.94 17.21
N THR B 144 11.56 31.39 17.20
CA THR B 144 10.78 31.62 18.45
C THR B 144 10.34 30.27 19.04
N ARG B 145 9.99 29.30 18.19
CA ARG B 145 9.70 27.89 18.58
C ARG B 145 10.94 27.23 19.20
N PHE B 146 12.12 27.45 18.60
CA PHE B 146 13.41 26.89 19.08
C PHE B 146 13.67 27.39 20.50
N GLU B 147 13.49 28.69 20.73
CA GLU B 147 13.73 29.34 22.05
C GLU B 147 12.74 28.80 23.08
N ASP B 148 11.45 28.70 22.73
CA ASP B 148 10.35 28.26 23.64
C ASP B 148 10.64 26.82 24.14
N LEU B 149 11.09 25.92 23.26
CA LEU B 149 11.40 24.51 23.63
C LEU B 149 12.68 24.42 24.48
N MET B 150 13.81 24.91 23.96
CA MET B 150 15.14 24.78 24.60
C MET B 150 15.12 25.39 26.01
N GLU B 151 14.43 26.52 26.20
CA GLU B 151 14.36 27.20 27.51
C GLU B 151 13.57 26.33 28.50
N ASN B 152 12.80 25.35 28.03
CA ASN B 152 11.83 24.61 28.88
C ASN B 152 12.08 23.10 28.83
N LEU B 153 13.21 22.66 28.29
CA LEU B 153 13.59 21.22 28.29
C LEU B 153 13.86 20.75 29.72
N PRO B 154 13.29 19.61 30.16
CA PRO B 154 13.66 19.04 31.46
C PRO B 154 15.07 18.46 31.47
N LEU B 155 15.63 18.28 32.68
CA LEU B 155 17.04 17.89 32.95
C LEU B 155 17.99 18.69 32.07
N PRO B 156 17.95 20.04 32.18
CA PRO B 156 18.70 20.91 31.28
C PRO B 156 20.23 20.70 31.32
N GLU B 157 20.78 20.26 32.46
CA GLU B 157 22.24 19.95 32.63
C GLU B 157 22.63 18.85 31.65
N TYR B 158 21.70 17.94 31.35
CA TYR B 158 21.88 16.84 30.37
C TYR B 158 21.52 17.26 28.93
N THR B 159 20.44 18.02 28.75
CA THR B 159 19.69 18.13 27.46
C THR B 159 20.04 19.41 26.68
N LYS B 160 20.46 20.50 27.33
CA LYS B 160 20.90 21.73 26.61
C LYS B 160 22.38 21.60 26.21
N ARG B 161 22.80 22.23 25.10
CA ARG B 161 24.17 22.08 24.54
C ARG B 161 25.21 22.63 25.54
N ASP B 162 24.86 23.64 26.32
CA ASP B 162 25.78 24.26 27.31
C ASP B 162 25.56 23.65 28.70
N GLY B 163 24.77 22.58 28.84
CA GLY B 163 24.57 21.86 30.11
C GLY B 163 25.89 21.30 30.65
N ARG B 164 26.07 21.33 31.99
CA ARG B 164 27.28 20.87 32.71
C ARG B 164 27.63 19.43 32.32
N LEU B 165 26.62 18.60 32.01
CA LEU B 165 26.75 17.12 31.80
C LEU B 165 26.39 16.72 30.37
N ASN B 166 26.11 17.67 29.48
CA ASN B 166 25.97 17.32 28.04
C ASN B 166 27.38 17.38 27.43
N LEU B 167 27.82 16.30 26.79
CA LEU B 167 29.21 16.14 26.27
C LEU B 167 29.26 16.33 24.75
N ALA B 168 28.10 16.62 24.12
CA ALA B 168 27.95 16.64 22.65
C ALA B 168 28.85 17.70 22.03
N SER B 169 28.95 18.88 22.65
CA SER B 169 29.74 20.03 22.14
C SER B 169 31.23 19.89 22.45
N ARG B 170 31.61 19.02 23.40
CA ARG B 170 33.03 18.88 23.85
C ARG B 170 33.73 17.70 23.15
N LEU B 171 33.01 16.66 22.73
CA LEU B 171 33.63 15.39 22.25
C LEU B 171 33.95 15.42 20.76
N PRO B 172 35.06 14.78 20.33
CA PRO B 172 35.35 14.59 18.91
C PRO B 172 34.29 13.77 18.17
N SER B 173 34.39 13.76 16.84
CA SER B 173 33.39 13.18 15.91
C SER B 173 33.33 11.65 16.02
N TYR B 174 34.25 10.99 16.72
CA TYR B 174 34.19 9.50 16.95
C TYR B 174 33.25 9.16 18.13
N PHE B 175 32.66 10.14 18.82
CA PHE B 175 31.61 9.90 19.85
C PHE B 175 30.24 10.41 19.38
N VAL B 176 30.20 11.41 18.49
CA VAL B 176 28.93 12.16 18.23
C VAL B 176 29.06 13.05 16.99
N ARG B 177 27.96 13.18 16.24
CA ARG B 177 27.86 14.12 15.09
C ARG B 177 27.96 15.56 15.59
N PRO B 178 28.62 16.47 14.82
CA PRO B 178 28.76 17.87 15.22
C PRO B 178 27.49 18.73 15.05
N ASP B 179 27.34 19.76 15.89
CA ASP B 179 26.25 20.78 15.80
C ASP B 179 24.89 20.07 15.82
N LEU B 180 24.50 19.52 16.97
CA LEU B 180 23.17 18.89 17.19
C LEU B 180 22.10 20.00 17.28
N GLY B 181 20.90 19.74 16.73
CA GLY B 181 19.74 20.65 16.82
C GLY B 181 18.46 19.83 16.93
N PRO B 182 17.32 20.42 17.35
CA PRO B 182 16.09 19.65 17.46
C PRO B 182 15.48 19.27 16.10
N LYS B 183 14.60 18.26 16.15
CA LYS B 183 13.94 17.64 14.99
C LYS B 183 12.46 17.52 15.33
N MET B 184 11.61 17.81 14.36
CA MET B 184 10.14 17.81 14.55
C MET B 184 9.59 16.54 13.92
N TYR B 185 8.69 15.83 14.61
CA TYR B 185 8.02 14.60 14.10
C TYR B 185 6.50 14.83 14.10
N ASN B 186 5.93 14.91 12.89
CA ASN B 186 4.52 15.26 12.62
C ASN B 186 3.87 14.11 11.83
N ALA B 187 2.80 13.51 12.37
CA ALA B 187 2.12 12.39 11.68
C ALA B 187 0.73 12.18 12.23
N TYR B 188 -0.17 11.69 11.37
CA TYR B 188 -1.60 11.42 11.71
C TYR B 188 -1.67 10.23 12.66
N GLY B 189 -2.81 10.05 13.32
CA GLY B 189 -3.13 8.89 14.16
C GLY B 189 -3.54 7.69 13.31
N LEU B 190 -3.01 6.50 13.63
CA LEU B 190 -3.50 5.23 13.02
C LEU B 190 -4.91 4.95 13.57
N ILE B 191 -5.79 4.31 12.77
CA ILE B 191 -7.28 4.30 12.98
C ILE B 191 -7.84 2.87 13.06
N THR B 192 -7.64 2.05 12.02
CA THR B 192 -8.34 0.76 11.80
C THR B 192 -7.75 -0.34 12.69
N ALA B 193 -8.44 -1.47 12.81
CA ALA B 193 -7.96 -2.70 13.50
C ALA B 193 -6.72 -3.25 12.77
N GLU B 194 -6.69 -3.15 11.44
CA GLU B 194 -5.55 -3.59 10.60
C GLU B 194 -4.33 -2.69 10.88
N ASP B 195 -4.57 -1.41 11.20
CA ASP B 195 -3.52 -0.41 11.54
C ASP B 195 -2.80 -0.83 12.83
N ARG B 196 -3.43 -1.63 13.69
CA ARG B 196 -2.87 -2.03 15.02
C ARG B 196 -1.50 -2.69 14.84
N ARG B 197 -1.26 -3.34 13.70
CA ARG B 197 0.02 -4.05 13.39
C ARG B 197 0.99 -3.11 12.67
N VAL B 198 0.68 -1.81 12.60
CA VAL B 198 1.46 -0.82 11.79
C VAL B 198 2.16 0.17 12.74
N GLY B 199 3.35 0.62 12.34
CA GLY B 199 4.12 1.67 13.05
C GLY B 199 4.00 3.03 12.38
N THR B 200 3.97 4.10 13.19
CA THR B 200 4.28 5.48 12.75
C THR B 200 5.78 5.56 12.45
N THR B 201 6.60 5.07 13.38
CA THR B 201 8.07 4.91 13.24
C THR B 201 8.42 3.45 13.54
N ASN B 202 9.08 2.77 12.60
CA ASN B 202 9.42 1.33 12.75
C ASN B 202 10.55 1.18 13.77
N LEU B 203 10.66 -0.02 14.33
CA LEU B 203 11.70 -0.42 15.30
C LEU B 203 13.07 -0.01 14.75
N HIS B 204 13.84 0.73 15.55
CA HIS B 204 15.19 1.21 15.20
C HIS B 204 15.94 1.60 16.48
N LEU B 205 17.24 1.93 16.38
CA LEU B 205 18.02 2.57 17.47
C LEU B 205 18.76 3.81 16.93
N ASP B 206 19.14 4.70 17.85
CA ASP B 206 19.87 5.98 17.58
C ASP B 206 21.25 5.89 18.25
N VAL B 207 22.25 6.57 17.68
CA VAL B 207 23.68 6.47 18.14
C VAL B 207 23.93 7.42 19.32
N SER B 208 23.02 8.36 19.59
CA SER B 208 23.15 9.29 20.74
C SER B 208 21.94 9.12 21.68
N ASP B 209 22.02 9.69 22.89
CA ASP B 209 20.85 9.82 23.81
C ASP B 209 19.89 10.83 23.17
N ALA B 210 18.60 10.78 23.53
CA ALA B 210 17.55 11.71 23.04
C ALA B 210 16.46 11.91 24.09
N VAL B 211 15.82 13.07 24.01
CA VAL B 211 14.56 13.41 24.74
C VAL B 211 13.51 13.78 23.68
N ASN B 212 12.32 13.19 23.77
CA ASN B 212 11.20 13.42 22.81
C ASN B 212 10.01 14.02 23.56
N VAL B 213 9.59 15.24 23.19
CA VAL B 213 8.50 16.02 23.87
C VAL B 213 7.24 16.06 23.00
N MET B 214 6.11 15.58 23.55
CA MET B 214 4.76 15.67 22.93
C MET B 214 4.22 17.09 23.15
N VAL B 215 4.20 17.91 22.10
CA VAL B 215 3.84 19.36 22.22
C VAL B 215 2.40 19.60 21.77
N TYR B 216 1.76 18.67 21.07
CA TYR B 216 0.34 18.84 20.64
C TYR B 216 -0.26 17.48 20.29
N VAL B 217 -1.47 17.23 20.78
CA VAL B 217 -2.28 16.03 20.39
C VAL B 217 -3.61 16.53 19.82
N GLY B 218 -3.95 16.08 18.61
CA GLY B 218 -5.16 16.48 17.87
C GLY B 218 -6.14 15.32 17.75
N ILE B 219 -7.32 15.49 18.35
CA ILE B 219 -8.40 14.45 18.34
C ILE B 219 -9.46 14.83 17.31
N PRO B 220 -9.64 14.03 16.23
CA PRO B 220 -10.81 14.16 15.35
C PRO B 220 -12.12 13.81 16.08
N ILE B 221 -13.27 14.32 15.60
CA ILE B 221 -14.63 14.01 16.16
C ILE B 221 -15.41 13.16 15.15
N ALA B 225 -16.09 10.45 17.85
CA ALA B 225 -15.37 9.79 18.98
C ALA B 225 -15.16 8.30 18.66
N HIS B 226 -13.93 7.92 18.31
CA HIS B 226 -13.52 6.52 18.00
C HIS B 226 -12.53 6.05 19.07
N ASP B 227 -12.86 6.35 20.33
CA ASP B 227 -12.11 5.95 21.56
C ASP B 227 -12.08 4.42 21.71
N GLU B 228 -12.87 3.71 20.90
CA GLU B 228 -13.02 2.23 20.95
C GLU B 228 -11.70 1.54 20.56
N GLU B 229 -11.28 1.72 19.30
CA GLU B 229 -10.09 1.02 18.73
C GLU B 229 -8.82 1.51 19.45
N VAL B 230 -8.84 2.75 19.97
CA VAL B 230 -7.73 3.35 20.76
C VAL B 230 -7.50 2.52 22.04
N LEU B 231 -8.50 2.43 22.92
CA LEU B 231 -8.42 1.67 24.20
C LEU B 231 -8.03 0.21 23.92
N LYS B 232 -8.53 -0.38 22.84
CA LYS B 232 -8.23 -1.78 22.45
C LYS B 232 -6.75 -1.88 22.03
N THR B 233 -6.24 -0.88 21.30
CA THR B 233 -4.80 -0.83 20.87
C THR B 233 -3.90 -0.69 22.10
N ILE B 234 -4.31 0.13 23.08
CA ILE B 234 -3.62 0.33 24.38
C ILE B 234 -3.51 -1.03 25.10
N ASP B 235 -4.64 -1.74 25.21
CA ASP B 235 -4.76 -3.00 25.98
C ASP B 235 -3.87 -4.08 25.35
N GLU B 236 -4.00 -4.30 24.04
CA GLU B 236 -3.20 -5.26 23.22
C GLU B 236 -1.73 -4.82 23.22
N GLY B 237 -1.50 -3.51 23.25
CA GLY B 237 -0.17 -2.88 23.32
C GLY B 237 0.54 -3.13 24.63
N ASP B 238 -0.18 -3.64 25.64
CA ASP B 238 0.35 -4.20 26.91
C ASP B 238 0.63 -3.05 27.88
N ALA B 239 -0.20 -2.01 27.85
CA ALA B 239 -0.11 -0.86 28.79
C ALA B 239 -0.58 -1.30 30.18
N ASP B 240 0.00 -0.70 31.23
CA ASP B 240 -0.25 -1.05 32.66
C ASP B 240 -1.63 -0.53 33.06
N GLU B 241 -2.20 -1.05 34.15
CA GLU B 241 -3.61 -0.79 34.56
C GLU B 241 -3.79 0.68 34.97
N VAL B 242 -2.77 1.30 35.55
CA VAL B 242 -2.82 2.73 35.98
C VAL B 242 -2.92 3.61 34.73
N THR B 243 -2.17 3.27 33.68
CA THR B 243 -2.17 3.98 32.38
C THR B 243 -3.57 3.85 31.76
N LYS B 244 -4.16 2.65 31.78
CA LYS B 244 -5.46 2.30 31.13
C LYS B 244 -6.63 3.02 31.81
N GLU B 245 -6.63 3.06 33.15
CA GLU B 245 -7.75 3.68 33.91
C GLU B 245 -7.58 5.20 33.84
N ARG B 246 -6.34 5.68 33.68
CA ARG B 246 -5.99 7.12 33.63
C ARG B 246 -6.72 7.83 32.47
N ILE B 247 -7.01 7.13 31.36
CA ILE B 247 -7.63 7.76 30.16
C ILE B 247 -9.15 7.88 30.35
N HIS B 248 -9.68 7.63 31.56
CA HIS B 248 -11.06 8.06 31.97
C HIS B 248 -11.18 8.19 33.50
N ASP B 249 -10.07 8.50 34.20
CA ASP B 249 -10.05 8.99 35.60
C ASP B 249 -9.78 10.49 35.58
N HIS B 250 -8.96 10.92 34.62
CA HIS B 250 -8.92 12.30 34.07
C HIS B 250 -9.43 12.25 32.63
N LYS B 251 -9.19 13.32 31.85
CA LYS B 251 -9.32 13.31 30.37
C LYS B 251 -8.05 13.94 29.77
N GLU B 252 -6.88 13.36 30.07
CA GLU B 252 -5.59 13.76 29.42
C GLU B 252 -5.63 13.23 27.99
N LYS B 253 -4.89 13.88 27.08
CA LYS B 253 -4.84 13.50 25.65
C LYS B 253 -3.69 12.53 25.43
N PRO B 254 -3.96 11.23 25.22
CA PRO B 254 -2.92 10.27 24.84
C PRO B 254 -2.54 10.40 23.36
N GLY B 255 -1.24 10.55 23.07
CA GLY B 255 -0.72 10.79 21.70
C GLY B 255 -0.22 9.50 21.04
N ALA B 256 0.76 8.83 21.65
CA ALA B 256 1.48 7.71 21.01
C ALA B 256 1.77 6.58 22.00
N LEU B 257 1.77 5.35 21.48
CA LEU B 257 2.19 4.11 22.19
C LEU B 257 3.61 3.76 21.73
N TRP B 258 4.55 3.77 22.67
CA TRP B 258 5.97 3.38 22.46
C TRP B 258 6.17 1.95 22.95
N HIS B 259 7.04 1.20 22.28
CA HIS B 259 7.75 0.04 22.87
C HIS B 259 9.25 0.32 22.87
N ILE B 260 9.89 0.32 24.05
CA ILE B 260 11.35 0.57 24.18
C ILE B 260 12.03 -0.66 24.79
N TYR B 261 13.16 -1.08 24.22
CA TYR B 261 13.99 -2.23 24.70
C TYR B 261 15.36 -1.73 25.15
N ALA B 262 15.94 -2.39 26.16
CA ALA B 262 17.29 -2.10 26.71
C ALA B 262 18.34 -2.32 25.61
N ALA B 263 19.39 -1.48 25.58
CA ALA B 263 20.46 -1.53 24.56
C ALA B 263 21.09 -2.92 24.54
N LYS B 264 21.15 -3.58 25.71
CA LYS B 264 21.82 -4.90 25.89
C LYS B 264 20.99 -6.03 25.26
N ASP B 265 19.72 -5.80 24.91
CA ASP B 265 18.81 -6.83 24.34
C ASP B 265 18.71 -6.67 22.82
N ALA B 266 19.55 -5.82 22.21
CA ALA B 266 19.47 -5.50 20.77
C ALA B 266 19.81 -6.74 19.92
N GLU B 267 20.88 -7.47 20.27
CA GLU B 267 21.39 -8.60 19.45
C GLU B 267 20.40 -9.76 19.49
N LYS B 268 19.79 -10.04 20.65
CA LYS B 268 18.73 -11.06 20.79
C LYS B 268 17.54 -10.68 19.88
N ILE B 269 17.22 -9.39 19.78
CA ILE B 269 16.09 -8.90 18.92
C ILE B 269 16.45 -9.18 17.46
N ARG B 270 17.70 -8.89 17.05
CA ARG B 270 18.19 -9.18 15.68
C ARG B 270 18.05 -10.68 15.36
N GLU B 271 18.41 -11.56 16.31
CA GLU B 271 18.29 -13.04 16.15
C GLU B 271 16.85 -13.40 15.77
N LEU B 272 15.87 -12.95 16.56
CA LEU B 272 14.43 -13.26 16.34
C LEU B 272 13.98 -12.82 14.95
N LEU B 273 14.29 -11.57 14.56
CA LEU B 273 13.80 -10.95 13.29
C LEU B 273 14.54 -11.55 12.09
N ARG B 274 15.79 -11.99 12.25
CA ARG B 274 16.51 -12.79 11.22
C ARG B 274 15.74 -14.08 10.95
N LYS B 275 15.45 -14.84 12.02
CA LYS B 275 14.68 -16.12 11.96
C LYS B 275 13.35 -15.88 11.23
N VAL B 276 12.51 -14.99 11.78
CA VAL B 276 11.14 -14.69 11.24
C VAL B 276 11.24 -14.31 9.76
N GLY B 277 12.22 -13.46 9.39
CA GLY B 277 12.45 -13.05 7.99
C GLY B 277 12.70 -14.24 7.08
N GLU B 278 13.45 -15.24 7.56
CA GLU B 278 13.74 -16.50 6.82
C GLU B 278 12.43 -17.28 6.62
N GLU B 279 11.54 -17.26 7.63
CA GLU B 279 10.22 -17.95 7.62
C GLU B 279 9.25 -17.28 6.64
N GLN B 280 9.51 -16.02 6.25
CA GLN B 280 8.64 -15.24 5.35
C GLN B 280 9.29 -15.16 3.95
N GLY B 281 10.36 -15.91 3.73
CA GLY B 281 10.97 -16.08 2.39
C GLY B 281 12.18 -15.19 2.21
N GLN B 282 12.22 -14.02 2.85
CA GLN B 282 13.34 -13.04 2.74
C GLN B 282 14.68 -13.77 2.65
N GLU B 283 15.52 -13.40 1.68
CA GLU B 283 16.91 -13.93 1.51
C GLU B 283 17.91 -12.87 1.98
N ASN B 284 18.58 -13.12 3.12
CA ASN B 284 19.50 -12.17 3.80
C ASN B 284 20.73 -12.94 4.30
N PRO B 285 21.96 -12.37 4.21
CA PRO B 285 23.13 -12.99 4.84
C PRO B 285 22.98 -13.16 6.34
N PRO B 286 23.88 -13.90 7.02
CA PRO B 286 23.91 -13.93 8.48
C PRO B 286 24.38 -12.61 9.10
N ASP B 287 25.08 -11.78 8.32
CA ASP B 287 25.57 -10.41 8.68
C ASP B 287 24.39 -9.47 8.95
N HIS B 288 23.34 -9.62 8.15
CA HIS B 288 22.18 -8.68 7.97
C HIS B 288 21.64 -8.17 9.32
N ASP B 289 21.33 -6.86 9.41
CA ASP B 289 20.91 -6.16 10.65
C ASP B 289 19.47 -5.64 10.47
N PRO B 290 18.45 -6.37 10.96
CA PRO B 290 17.05 -5.96 10.81
C PRO B 290 16.69 -4.65 11.53
N ILE B 291 17.37 -4.34 12.64
CA ILE B 291 17.16 -3.06 13.40
C ILE B 291 17.65 -1.91 12.51
N HIS B 292 18.85 -2.04 11.93
CA HIS B 292 19.43 -1.03 11.01
C HIS B 292 18.51 -0.80 9.80
N ASP B 293 17.78 -1.83 9.36
CA ASP B 293 16.91 -1.75 8.15
C ASP B 293 15.65 -0.94 8.40
N GLN B 294 15.21 -0.81 9.66
CA GLN B 294 13.99 -0.05 10.06
C GLN B 294 12.77 -0.53 9.26
N SER B 295 12.65 -1.84 9.05
CA SER B 295 11.59 -2.45 8.20
C SER B 295 10.52 -3.15 9.06
N TRP B 296 10.73 -3.28 10.38
CA TRP B 296 9.90 -4.13 11.28
C TRP B 296 9.10 -3.27 12.26
N TYR B 297 7.86 -3.66 12.52
CA TYR B 297 7.10 -3.23 13.73
C TYR B 297 6.73 -4.48 14.53
N LEU B 298 7.08 -4.52 15.81
CA LEU B 298 6.75 -5.67 16.70
C LEU B 298 5.29 -5.58 17.14
N ASP B 299 4.43 -6.35 16.47
CA ASP B 299 2.98 -6.52 16.81
C ASP B 299 2.88 -7.44 18.04
N GLN B 300 1.67 -7.75 18.52
CA GLN B 300 1.47 -8.62 19.70
C GLN B 300 2.16 -9.98 19.50
N THR B 301 2.01 -10.57 18.30
CA THR B 301 2.56 -11.91 17.96
C THR B 301 4.08 -11.91 18.14
N LEU B 302 4.78 -10.96 17.53
CA LEU B 302 6.27 -10.89 17.58
C LEU B 302 6.74 -10.57 19.00
N ARG B 303 6.05 -9.69 19.71
CA ARG B 303 6.42 -9.26 21.10
C ARG B 303 6.33 -10.46 22.03
N LYS B 304 5.20 -11.18 21.98
CA LYS B 304 4.95 -12.37 22.83
C LYS B 304 6.03 -13.41 22.54
N ARG B 305 6.31 -13.65 21.26
CA ARG B 305 7.34 -14.61 20.79
C ARG B 305 8.72 -14.18 21.29
N LEU B 306 9.03 -12.87 21.28
CA LEU B 306 10.35 -12.32 21.73
C LEU B 306 10.51 -12.65 23.20
N TYR B 307 9.46 -12.44 24.00
CA TYR B 307 9.40 -12.83 25.43
C TYR B 307 9.53 -14.34 25.58
N GLU B 308 8.67 -15.08 24.86
CA GLU B 308 8.58 -16.57 24.88
C GLU B 308 9.97 -17.18 24.67
N GLU B 309 10.66 -16.80 23.59
CA GLU B 309 11.84 -17.55 23.06
C GLU B 309 13.18 -16.99 23.56
N TYR B 310 13.31 -15.69 23.80
CA TYR B 310 14.60 -15.04 24.20
C TYR B 310 14.51 -14.39 25.59
N GLY B 311 13.32 -14.38 26.20
CA GLY B 311 13.09 -13.83 27.56
C GLY B 311 13.29 -12.33 27.66
N VAL B 312 13.05 -11.59 26.56
CA VAL B 312 13.22 -10.10 26.48
C VAL B 312 11.84 -9.44 26.62
N GLN B 313 11.71 -8.50 27.55
CA GLN B 313 10.41 -7.87 27.95
C GLN B 313 10.20 -6.52 27.26
N GLY B 314 10.98 -5.48 27.60
CA GLY B 314 10.78 -4.11 27.07
C GLY B 314 9.73 -3.32 27.84
N TRP B 315 9.62 -2.01 27.57
CA TRP B 315 8.67 -1.07 28.23
C TRP B 315 7.60 -0.63 27.23
N ALA B 316 6.31 -0.77 27.59
CA ALA B 316 5.15 -0.23 26.84
C ALA B 316 4.76 1.12 27.46
N ILE B 317 4.97 2.22 26.75
CA ILE B 317 4.79 3.60 27.29
C ILE B 317 3.76 4.36 26.45
N VAL B 318 2.74 4.94 27.10
CA VAL B 318 1.78 5.90 26.47
C VAL B 318 2.27 7.32 26.76
N GLN B 319 2.66 8.04 25.72
CA GLN B 319 3.13 9.45 25.78
C GLN B 319 1.92 10.37 25.62
N PHE B 320 1.52 11.07 26.69
CA PHE B 320 0.40 12.04 26.71
C PHE B 320 0.94 13.43 26.36
N LEU B 321 0.03 14.40 26.21
CA LEU B 321 0.40 15.82 25.95
C LEU B 321 1.36 16.28 27.05
N GLY B 322 2.52 16.83 26.66
CA GLY B 322 3.50 17.42 27.59
C GLY B 322 4.44 16.39 28.21
N ASP B 323 4.35 15.11 27.81
CA ASP B 323 5.26 14.04 28.31
C ASP B 323 6.55 14.05 27.48
N ALA B 324 7.70 14.10 28.17
CA ALA B 324 9.05 13.99 27.59
C ALA B 324 9.59 12.59 27.88
N VAL B 325 9.86 11.82 26.83
CA VAL B 325 10.40 10.42 26.92
C VAL B 325 11.91 10.49 26.66
N PHE B 326 12.71 10.04 27.64
CA PHE B 326 14.20 9.96 27.58
C PHE B 326 14.58 8.57 27.07
N ILE B 327 15.31 8.52 25.96
CA ILE B 327 15.64 7.24 25.24
C ILE B 327 17.14 7.03 25.27
N PRO B 328 17.65 5.99 25.99
CA PRO B 328 19.09 5.74 26.05
C PRO B 328 19.65 5.40 24.67
N ALA B 329 20.85 5.90 24.38
CA ALA B 329 21.62 5.56 23.16
C ALA B 329 21.63 4.05 22.95
N GLY B 330 21.27 3.58 21.74
CA GLY B 330 21.32 2.15 21.35
C GLY B 330 20.16 1.32 21.89
N ALA B 331 19.20 1.93 22.61
CA ALA B 331 17.97 1.22 23.05
C ALA B 331 17.02 1.16 21.85
N PRO B 332 16.70 -0.02 21.29
CA PRO B 332 15.73 -0.11 20.19
C PRO B 332 14.32 0.28 20.64
N HIS B 333 13.62 0.97 19.76
CA HIS B 333 12.28 1.57 20.05
C HIS B 333 11.47 1.69 18.76
N GLN B 334 10.15 1.66 18.91
CA GLN B 334 9.14 1.84 17.84
C GLN B 334 8.03 2.74 18.39
N VAL B 335 7.33 3.47 17.51
CA VAL B 335 6.25 4.43 17.89
C VAL B 335 5.00 4.15 17.04
N HIS B 336 3.83 4.21 17.69
CA HIS B 336 2.49 4.04 17.06
C HIS B 336 1.57 5.16 17.54
N ASN B 337 1.30 6.16 16.69
CA ASN B 337 0.41 7.31 16.99
C ASN B 337 -1.03 6.82 17.12
N LEU B 338 -1.66 7.10 18.26
CA LEU B 338 -3.08 6.77 18.58
C LEU B 338 -3.98 7.87 18.03
N TYR B 339 -3.50 9.11 18.13
CA TYR B 339 -4.11 10.33 17.54
C TYR B 339 -3.03 11.07 16.74
N SER B 340 -3.40 12.19 16.10
CA SER B 340 -2.45 13.08 15.38
C SER B 340 -1.54 13.79 16.39
N CYS B 341 -0.22 13.73 16.20
CA CYS B 341 0.79 14.19 17.19
C CYS B 341 1.79 15.16 16.56
N ILE B 342 2.10 16.24 17.26
CA ILE B 342 3.32 17.06 17.04
C ILE B 342 4.32 16.76 18.15
N LYS B 343 5.47 16.17 17.80
CA LYS B 343 6.56 15.83 18.75
C LYS B 343 7.81 16.63 18.37
N VAL B 344 8.64 16.98 19.36
CA VAL B 344 9.99 17.58 19.12
C VAL B 344 11.03 16.83 19.96
N ALA B 345 12.15 16.45 19.34
CA ALA B 345 13.22 15.64 19.95
C ALA B 345 14.56 16.38 19.86
N GLU B 346 15.39 16.23 20.89
CA GLU B 346 16.74 16.84 20.98
C GLU B 346 17.72 15.72 21.37
N ASP B 347 18.78 15.54 20.57
CA ASP B 347 19.88 14.58 20.85
C ASP B 347 20.84 15.21 21.88
N PHE B 348 21.46 14.37 22.70
CA PHE B 348 22.53 14.74 23.68
C PHE B 348 23.41 13.51 23.98
N VAL B 349 24.52 13.74 24.69
CA VAL B 349 25.48 12.68 25.10
C VAL B 349 25.77 12.81 26.60
N SER B 350 25.20 11.91 27.40
CA SER B 350 25.43 11.84 28.87
C SER B 350 26.73 11.09 29.17
N PRO B 351 27.45 11.44 30.26
CA PRO B 351 28.64 10.68 30.66
C PRO B 351 28.37 9.20 30.92
N GLU B 352 27.18 8.90 31.43
CA GLU B 352 26.76 7.51 31.77
C GLU B 352 26.84 6.61 30.53
N HIS B 353 26.61 7.15 29.32
CA HIS B 353 26.45 6.33 28.09
C HIS B 353 27.55 6.63 27.07
N VAL B 354 28.61 7.35 27.45
CA VAL B 354 29.63 7.81 26.47
C VAL B 354 30.32 6.60 25.79
N LYS B 355 30.50 5.50 26.50
CA LYS B 355 31.14 4.27 25.93
C LYS B 355 30.22 3.67 24.86
N HIS B 356 28.92 3.53 25.14
CA HIS B 356 27.91 3.07 24.16
C HIS B 356 27.97 3.95 22.90
N CYS B 357 27.90 5.26 23.09
CA CYS B 357 27.91 6.27 21.99
C CYS B 357 29.12 6.06 21.06
N PHE B 358 30.29 5.77 21.62
CA PHE B 358 31.52 5.48 20.82
C PHE B 358 31.32 4.20 20.00
N ARG B 359 30.78 3.15 20.61
CA ARG B 359 30.59 1.82 19.97
C ARG B 359 29.56 1.92 18.84
N LEU B 360 28.48 2.67 19.07
CA LEU B 360 27.34 2.80 18.10
C LEU B 360 27.81 3.63 16.90
N THR B 361 28.52 4.73 17.16
CA THR B 361 29.13 5.57 16.09
C THR B 361 30.04 4.70 15.22
N GLN B 362 30.89 3.88 15.84
CA GLN B 362 31.83 2.93 15.15
C GLN B 362 31.02 1.99 14.24
N GLU B 363 30.02 1.30 14.81
CA GLU B 363 29.15 0.32 14.09
C GLU B 363 28.36 1.03 12.98
N PHE B 364 27.98 2.30 13.17
CA PHE B 364 27.20 3.05 12.15
C PHE B 364 28.05 3.27 10.90
N ARG B 365 29.29 3.73 11.06
CA ARG B 365 30.25 3.93 9.93
C ARG B 365 30.53 2.60 9.21
N HIS B 366 30.63 1.49 9.95
CA HIS B 366 30.83 0.13 9.37
C HIS B 366 29.61 -0.25 8.51
N LEU B 367 28.40 -0.19 9.09
CA LEU B 367 27.11 -0.51 8.40
C LEU B 367 26.90 0.39 7.19
N SER B 368 27.60 1.54 7.14
CA SER B 368 27.52 2.51 6.01
C SER B 368 28.23 1.94 4.78
N ASN B 369 29.56 1.90 4.80
CA ASN B 369 30.41 1.57 3.63
C ASN B 369 30.70 0.06 3.63
#